data_6VBG
#
_entry.id   6VBG
#
_cell.length_a   151.270
_cell.length_b   151.270
_cell.length_c   182.480
_cell.angle_alpha   90.000
_cell.angle_beta   90.000
_cell.angle_gamma   120.000
#
_symmetry.space_group_name_H-M   'P 65'
#
loop_
_entity.id
_entity.type
_entity.pdbx_description
1 polymer 'Galactoside permease'
2 polymer 'nanobody 9043'
3 branched beta-D-galactopyranose-(1-1)-1-thio-beta-D-galactopyranose
4 non-polymer 'nonyl beta-D-glucopyranoside'
5 water water
#
loop_
_entity_poly.entity_id
_entity_poly.type
_entity_poly.pdbx_seq_one_letter_code
_entity_poly.pdbx_strand_id
1 'polypeptide(L)'
;MYYLKNTNFWMFGLFFFFYFFIMGAYFPFFPIWLHDINHISKSDTWIIFAAISLFSLLFQPLFGLLSDKLGLRKYLLWII
TGMLVMFAPFFIFIFGPLLQYNILVGSIVGGIYLGFCFNAGAPAVEAFIEKVSRRSNFEFGRARMFGCVGWALCASIVGI
MFTINNQFVFWLGSGCALILAVLLFFAKTDAPSSATVANAVGANHSAFSLKLALELFRQPKLWFLSLYVIGVSCTYDVFD
QQFANFFTSFFATGEQGTRVFWYVTTMGELLNASIMFFAPLIINRIGGKNALLLAGTIMSVRIIGSSFATSALEVVILKT
LHMFEVPFLLVGCFKYITSQFEVRFSATIYLVCFCFFKQLAMIFMSVLAGNMYESIGFQGAYLVLGLVALGFTLISVFTL
SGPGPLSLLRRQVNEVA
;
A,B
2 'polypeptide(L)'
;QVQLVESGGGLVQAGDSLRLSCAASGRPFSNYAMGWFRQAPGKERERVASINWSGTDTDYADSVKGRFTISRDNAKRTLY
LQMNTLKPEDTAVYYCAARVGVDYKYWGQGTQVTVSSHHHH
;
C,D
#
# COMPACT_ATOMS: atom_id res chain seq x y z
N MET A 1 -12.39 32.26 18.72
CA MET A 1 -12.55 31.08 17.82
C MET A 1 -13.77 31.24 16.92
N TYR A 2 -13.56 31.08 15.62
CA TYR A 2 -14.61 31.20 14.61
C TYR A 2 -14.69 29.89 13.83
N TYR A 3 -15.83 29.70 13.16
CA TYR A 3 -16.09 28.43 12.48
C TYR A 3 -16.60 28.56 11.05
N LEU A 4 -17.51 29.48 10.78
CA LEU A 4 -18.15 29.50 9.46
C LEU A 4 -17.14 29.80 8.37
N LYS A 5 -16.37 30.87 8.52
CA LYS A 5 -15.38 31.28 7.53
C LYS A 5 -13.97 30.79 7.87
N ASN A 6 -13.86 29.79 8.74
CA ASN A 6 -12.57 29.19 9.08
C ASN A 6 -12.27 28.10 8.06
N THR A 7 -11.33 28.37 7.15
CA THR A 7 -11.08 27.46 6.05
C THR A 7 -10.66 26.08 6.55
N ASN A 8 -9.78 26.03 7.56
CA ASN A 8 -9.24 24.75 8.02
C ASN A 8 -10.20 24.01 8.93
N PHE A 9 -11.10 24.72 9.62
CA PHE A 9 -12.17 24.02 10.32
C PHE A 9 -12.98 23.18 9.33
N TRP A 10 -13.23 23.71 8.14
CA TRP A 10 -14.01 23.00 7.14
C TRP A 10 -13.14 21.94 6.44
N MET A 11 -11.88 22.26 6.16
CA MET A 11 -11.04 21.30 5.47
C MET A 11 -10.80 20.08 6.34
N PHE A 12 -10.67 20.28 7.65
CA PHE A 12 -10.43 19.20 8.59
C PHE A 12 -11.68 18.70 9.28
N GLY A 13 -12.69 19.55 9.43
CA GLY A 13 -14.01 19.03 9.75
C GLY A 13 -14.49 18.05 8.70
N LEU A 14 -14.43 18.46 7.43
CA LEU A 14 -14.75 17.54 6.35
C LEU A 14 -13.80 16.34 6.36
N PHE A 15 -12.51 16.57 6.58
CA PHE A 15 -11.56 15.47 6.64
C PHE A 15 -12.02 14.42 7.66
N PHE A 16 -12.47 14.86 8.82
CA PHE A 16 -13.05 13.94 9.79
C PHE A 16 -14.26 13.23 9.20
N PHE A 17 -15.13 13.97 8.51
CA PHE A 17 -16.33 13.39 7.93
C PHE A 17 -15.99 12.25 6.98
N PHE A 18 -15.17 12.54 5.96
CA PHE A 18 -14.88 11.52 4.95
C PHE A 18 -13.98 10.42 5.49
N TYR A 19 -13.05 10.76 6.39
CA TYR A 19 -12.21 9.71 6.95
C TYR A 19 -13.05 8.69 7.71
N PHE A 20 -13.93 9.17 8.60
CA PHE A 20 -14.75 8.26 9.40
C PHE A 20 -15.90 7.68 8.59
N PHE A 21 -16.29 8.31 7.47
CA PHE A 21 -17.10 7.62 6.49
C PHE A 21 -16.38 6.39 5.98
N ILE A 22 -15.11 6.55 5.59
CA ILE A 22 -14.33 5.41 5.10
C ILE A 22 -14.29 4.31 6.14
N MET A 23 -13.89 4.64 7.38
CA MET A 23 -13.79 3.62 8.41
C MET A 23 -15.14 3.10 8.86
N GLY A 24 -16.22 3.84 8.58
CA GLY A 24 -17.54 3.32 8.92
C GLY A 24 -17.89 2.05 8.18
N ALA A 25 -17.44 1.94 6.93
CA ALA A 25 -17.67 0.72 6.17
C ALA A 25 -16.90 -0.45 6.78
N TYR A 26 -15.71 -0.18 7.34
CA TYR A 26 -14.83 -1.25 7.77
C TYR A 26 -15.20 -1.76 9.14
N PHE A 27 -15.39 -0.87 10.11
CA PHE A 27 -15.31 -1.27 11.51
C PHE A 27 -16.62 -1.75 12.11
N PRO A 28 -17.66 -0.91 12.16
CA PRO A 28 -18.88 -1.34 12.88
C PRO A 28 -19.50 -2.61 12.31
N PHE A 29 -19.33 -2.87 11.02
CA PHE A 29 -19.91 -4.02 10.36
C PHE A 29 -18.84 -5.00 9.89
N PHE A 30 -17.68 -4.98 10.53
CA PHE A 30 -16.61 -5.92 10.16
C PHE A 30 -17.01 -7.37 10.42
N PRO A 31 -17.61 -7.73 11.56
CA PRO A 31 -17.95 -9.14 11.78
C PRO A 31 -18.91 -9.69 10.75
N ILE A 32 -19.88 -8.90 10.30
CA ILE A 32 -20.82 -9.43 9.31
C ILE A 32 -20.17 -9.47 7.93
N TRP A 33 -19.25 -8.56 7.64
CA TRP A 33 -18.54 -8.64 6.36
C TRP A 33 -17.70 -9.90 6.28
N LEU A 34 -17.13 -10.33 7.41
CA LEU A 34 -16.31 -11.53 7.41
C LEU A 34 -17.13 -12.80 7.37
N HIS A 35 -18.13 -12.91 8.26
CA HIS A 35 -18.86 -14.18 8.38
C HIS A 35 -19.94 -14.36 7.32
N ASP A 36 -20.50 -13.26 6.80
CA ASP A 36 -21.63 -13.38 5.90
C ASP A 36 -21.27 -13.39 4.42
N ILE A 37 -20.18 -12.72 4.04
CA ILE A 37 -19.80 -12.56 2.65
C ILE A 37 -18.60 -13.42 2.30
N ASN A 38 -17.63 -13.54 3.20
CA ASN A 38 -16.45 -14.36 2.98
C ASN A 38 -16.55 -15.74 3.63
N HIS A 39 -17.60 -16.00 4.40
CA HIS A 39 -17.82 -17.30 5.02
C HIS A 39 -16.56 -17.73 5.78
N ILE A 40 -16.19 -16.91 6.75
CA ILE A 40 -15.00 -17.14 7.54
C ILE A 40 -15.38 -17.70 8.89
N SER A 41 -14.56 -18.64 9.36
CA SER A 41 -14.64 -19.17 10.70
C SER A 41 -14.79 -18.10 11.75
N LYS A 42 -15.27 -18.48 12.94
CA LYS A 42 -15.02 -17.68 14.13
C LYS A 42 -13.80 -18.21 14.88
N SER A 43 -13.42 -19.47 14.62
CA SER A 43 -12.10 -19.93 15.02
C SER A 43 -11.02 -18.92 14.60
N ASP A 44 -11.16 -18.36 13.41
CA ASP A 44 -10.13 -17.62 12.71
C ASP A 44 -10.19 -16.13 12.96
N THR A 45 -11.37 -15.60 13.30
CA THR A 45 -11.47 -14.19 13.63
C THR A 45 -10.53 -13.83 14.78
N TRP A 46 -10.28 -14.78 15.69
CA TRP A 46 -9.30 -14.54 16.73
C TRP A 46 -7.91 -14.36 16.15
N ILE A 47 -7.64 -14.96 14.98
CA ILE A 47 -6.37 -14.76 14.31
C ILE A 47 -6.32 -13.37 13.67
N ILE A 48 -7.45 -12.90 13.14
CA ILE A 48 -7.51 -11.54 12.59
C ILE A 48 -7.39 -10.51 13.70
N PHE A 49 -8.13 -10.70 14.79
CA PHE A 49 -8.01 -9.79 15.93
C PHE A 49 -6.58 -9.75 16.43
N ALA A 50 -5.90 -10.90 16.43
CA ALA A 50 -4.51 -10.94 16.90
C ALA A 50 -3.60 -10.19 15.94
N ALA A 51 -3.78 -10.38 14.63
CA ALA A 51 -2.92 -9.71 13.66
C ALA A 51 -3.07 -8.20 13.76
N ILE A 52 -4.31 -7.71 13.70
CA ILE A 52 -4.54 -6.27 13.82
C ILE A 52 -3.99 -5.75 15.14
N SER A 53 -4.27 -6.48 16.23
CA SER A 53 -3.76 -6.07 17.53
C SER A 53 -2.24 -6.02 17.55
N LEU A 54 -1.59 -7.00 16.93
CA LEU A 54 -0.13 -7.05 16.98
C LEU A 54 0.50 -5.92 16.18
N PHE A 55 0.01 -5.69 14.96
CA PHE A 55 0.57 -4.64 14.13
C PHE A 55 0.12 -3.26 14.62
N SER A 56 -1.07 -3.18 15.23
CA SER A 56 -1.49 -1.93 15.85
C SER A 56 -0.55 -1.57 17.00
N LEU A 57 -0.21 -2.56 17.85
CA LEU A 57 0.71 -2.30 18.94
C LEU A 57 2.04 -1.74 18.44
N LEU A 58 2.47 -2.14 17.24
CA LEU A 58 3.74 -1.63 16.72
C LEU A 58 3.57 -0.25 16.10
N PHE A 59 2.45 -0.02 15.41
CA PHE A 59 2.28 1.21 14.65
C PHE A 59 1.99 2.39 15.57
N GLN A 60 1.19 2.19 16.62
CA GLN A 60 0.67 3.31 17.38
C GLN A 60 1.74 4.03 18.19
N PRO A 61 2.74 3.33 18.74
CA PRO A 61 3.84 4.07 19.38
C PRO A 61 4.64 4.93 18.42
N LEU A 62 4.93 4.44 17.22
CA LEU A 62 5.68 5.25 16.27
C LEU A 62 4.81 6.37 15.71
N PHE A 63 3.52 6.12 15.50
CA PHE A 63 2.64 7.17 15.02
C PHE A 63 2.65 8.37 15.98
N GLY A 64 2.66 8.10 17.28
CA GLY A 64 2.69 9.20 18.23
C GLY A 64 4.00 9.95 18.22
N LEU A 65 5.12 9.22 18.20
CA LEU A 65 6.43 9.87 18.17
C LEU A 65 6.61 10.67 16.89
N LEU A 66 6.30 10.08 15.73
CA LEU A 66 6.39 10.80 14.48
C LEU A 66 5.41 11.98 14.46
N SER A 67 4.22 11.80 15.04
CA SER A 67 3.23 12.87 15.03
C SER A 67 3.77 14.12 15.72
N ASP A 68 4.51 13.93 16.82
CA ASP A 68 5.07 15.08 17.53
C ASP A 68 6.34 15.59 16.84
N LYS A 69 7.22 14.67 16.43
CA LYS A 69 8.41 15.08 15.68
C LYS A 69 8.02 15.89 14.45
N LEU A 70 7.01 15.43 13.72
CA LEU A 70 6.53 16.20 12.57
C LEU A 70 5.80 17.45 13.02
N GLY A 71 5.19 17.41 14.20
CA GLY A 71 4.40 18.54 14.62
C GLY A 71 3.22 18.68 13.69
N LEU A 72 3.15 19.83 13.03
CA LEU A 72 2.03 20.11 12.15
C LEU A 72 2.33 19.92 10.66
N ARG A 73 3.54 19.51 10.28
CA ARG A 73 3.80 19.48 8.83
C ARG A 73 2.90 18.50 8.10
N LYS A 74 2.23 17.58 8.80
CA LYS A 74 1.21 16.72 8.18
C LYS A 74 1.76 15.77 7.12
N TYR A 75 3.03 15.37 7.25
CA TYR A 75 3.58 14.44 6.28
C TYR A 75 2.95 13.06 6.42
N LEU A 76 2.59 12.65 7.64
CA LEU A 76 2.03 11.32 7.84
C LEU A 76 0.58 11.24 7.40
N LEU A 77 -0.18 12.33 7.50
CA LEU A 77 -1.55 12.30 6.98
C LEU A 77 -1.56 12.12 5.47
N TRP A 78 -0.58 12.69 4.77
CA TRP A 78 -0.44 12.41 3.34
C TRP A 78 -0.24 10.92 3.09
N ILE A 79 0.52 10.26 3.97
CA ILE A 79 0.79 8.84 3.80
C ILE A 79 -0.49 8.03 4.03
N ILE A 80 -1.19 8.32 5.12
CA ILE A 80 -2.42 7.59 5.44
C ILE A 80 -3.44 7.76 4.32
N THR A 81 -3.59 8.99 3.82
CA THR A 81 -4.54 9.23 2.73
C THR A 81 -4.24 8.34 1.53
N GLY A 82 -2.96 8.25 1.16
CA GLY A 82 -2.60 7.43 0.02
C GLY A 82 -2.99 5.97 0.19
N MET A 83 -2.93 5.47 1.42
CA MET A 83 -3.29 4.07 1.64
C MET A 83 -4.80 3.86 1.64
N LEU A 84 -5.57 4.87 2.05
CA LEU A 84 -7.03 4.75 2.05
C LEU A 84 -7.60 4.84 0.63
N VAL A 85 -6.83 5.37 -0.32
CA VAL A 85 -7.30 5.40 -1.70
C VAL A 85 -7.39 4.00 -2.29
N MET A 86 -6.68 3.04 -1.70
CA MET A 86 -6.77 1.63 -2.04
C MET A 86 -7.75 0.88 -1.16
N PHE A 87 -8.63 1.60 -0.44
CA PHE A 87 -9.59 0.96 0.44
C PHE A 87 -10.38 -0.11 -0.30
N ALA A 88 -10.91 0.24 -1.48
CA ALA A 88 -11.74 -0.72 -2.22
C ALA A 88 -10.92 -1.89 -2.75
N PRO A 89 -9.91 -1.69 -3.59
CA PRO A 89 -9.16 -2.86 -4.10
C PRO A 89 -8.63 -3.77 -3.01
N PHE A 90 -8.27 -3.21 -1.84
CA PHE A 90 -7.73 -4.05 -0.78
C PHE A 90 -8.77 -5.03 -0.27
N PHE A 91 -9.97 -4.53 0.05
CA PHE A 91 -11.00 -5.40 0.61
C PHE A 91 -11.53 -6.37 -0.42
N ILE A 92 -11.82 -5.88 -1.63
CA ILE A 92 -12.48 -6.70 -2.63
C ILE A 92 -11.50 -7.70 -3.24
N PHE A 93 -10.31 -7.24 -3.64
CA PHE A 93 -9.40 -8.04 -4.43
C PHE A 93 -8.20 -8.59 -3.66
N ILE A 94 -8.02 -8.21 -2.40
CA ILE A 94 -6.85 -8.65 -1.65
C ILE A 94 -7.29 -9.40 -0.40
N PHE A 95 -7.88 -8.69 0.56
CA PHE A 95 -8.17 -9.27 1.87
C PHE A 95 -9.06 -10.50 1.73
N GLY A 96 -10.23 -10.35 1.11
CA GLY A 96 -11.15 -11.44 0.92
C GLY A 96 -10.51 -12.65 0.27
N PRO A 97 -10.03 -12.47 -0.96
CA PRO A 97 -9.38 -13.60 -1.65
C PRO A 97 -8.28 -14.26 -0.84
N LEU A 98 -7.37 -13.48 -0.27
CA LEU A 98 -6.22 -14.04 0.43
C LEU A 98 -6.65 -14.88 1.63
N LEU A 99 -7.66 -14.43 2.38
CA LEU A 99 -8.06 -15.15 3.59
C LEU A 99 -8.69 -16.50 3.25
N GLN A 100 -9.39 -16.61 2.11
CA GLN A 100 -10.01 -17.88 1.76
C GLN A 100 -8.97 -18.90 1.33
N TYR A 101 -7.91 -18.45 0.65
CA TYR A 101 -6.81 -19.36 0.31
C TYR A 101 -6.09 -19.82 1.58
N ASN A 102 -5.55 -18.88 2.34
CA ASN A 102 -4.92 -19.15 3.62
C ASN A 102 -5.24 -17.99 4.54
N ILE A 103 -5.76 -18.28 5.73
CA ILE A 103 -6.20 -17.21 6.61
C ILE A 103 -5.02 -16.51 7.26
N LEU A 104 -3.97 -17.25 7.62
CA LEU A 104 -2.91 -16.65 8.40
C LEU A 104 -2.20 -15.56 7.63
N VAL A 105 -2.00 -15.75 6.32
CA VAL A 105 -1.29 -14.73 5.56
C VAL A 105 -2.23 -13.61 5.13
N GLY A 106 -3.54 -13.89 5.02
CA GLY A 106 -4.49 -12.80 4.90
C GLY A 106 -4.54 -11.94 6.15
N SER A 107 -4.27 -12.54 7.31
CA SER A 107 -4.29 -11.79 8.56
C SER A 107 -3.07 -10.92 8.72
N ILE A 108 -1.90 -11.35 8.22
CA ILE A 108 -0.73 -10.49 8.26
C ILE A 108 -0.93 -9.31 7.29
N VAL A 109 -1.42 -9.59 6.08
CA VAL A 109 -1.66 -8.53 5.11
C VAL A 109 -2.74 -7.58 5.63
N GLY A 110 -3.83 -8.14 6.17
CA GLY A 110 -4.88 -7.29 6.72
C GLY A 110 -4.49 -6.67 8.06
N GLY A 111 -3.75 -7.42 8.88
CA GLY A 111 -3.25 -6.84 10.12
C GLY A 111 -2.40 -5.61 9.88
N ILE A 112 -1.57 -5.66 8.83
CA ILE A 112 -0.69 -4.53 8.54
C ILE A 112 -1.50 -3.35 7.99
N TYR A 113 -2.39 -3.62 7.04
CA TYR A 113 -3.11 -2.53 6.39
C TYR A 113 -4.09 -1.85 7.34
N LEU A 114 -4.88 -2.64 8.07
CA LEU A 114 -5.89 -2.07 8.94
C LEU A 114 -5.28 -1.50 10.22
N GLY A 115 -4.29 -2.19 10.79
CA GLY A 115 -3.60 -1.64 11.95
C GLY A 115 -2.94 -0.32 11.65
N PHE A 116 -2.54 -0.10 10.39
CA PHE A 116 -1.87 1.13 9.99
C PHE A 116 -2.89 2.25 9.75
N CYS A 117 -3.95 1.95 9.01
CA CYS A 117 -4.85 3.01 8.54
C CYS A 117 -5.89 3.41 9.59
N PHE A 118 -6.26 2.50 10.49
CA PHE A 118 -7.41 2.75 11.35
C PHE A 118 -7.10 2.59 12.83
N ASN A 119 -6.58 1.43 13.24
CA ASN A 119 -6.29 1.24 14.66
C ASN A 119 -5.28 2.26 15.13
N ALA A 120 -4.28 2.56 14.31
CA ALA A 120 -3.33 3.62 14.58
C ALA A 120 -3.61 4.89 13.79
N GLY A 121 -4.21 4.76 12.61
CA GLY A 121 -4.39 5.92 11.75
C GLY A 121 -5.45 6.88 12.26
N ALA A 122 -6.55 6.34 12.78
CA ALA A 122 -7.60 7.22 13.30
C ALA A 122 -7.11 8.02 14.50
N PRO A 123 -6.49 7.43 15.52
CA PRO A 123 -5.91 8.25 16.60
C PRO A 123 -4.86 9.22 16.08
N ALA A 124 -4.11 8.85 15.04
CA ALA A 124 -3.10 9.75 14.51
C ALA A 124 -3.74 10.96 13.83
N VAL A 125 -4.85 10.75 13.11
CA VAL A 125 -5.57 11.88 12.51
C VAL A 125 -6.14 12.76 13.60
N GLU A 126 -6.85 12.16 14.56
CA GLU A 126 -7.42 12.95 15.67
C GLU A 126 -6.34 13.79 16.35
N ALA A 127 -5.19 13.18 16.65
CA ALA A 127 -4.12 13.92 17.31
C ALA A 127 -3.65 15.09 16.45
N PHE A 128 -3.58 14.90 15.14
CA PHE A 128 -3.14 15.97 14.26
C PHE A 128 -4.18 17.09 14.19
N ILE A 129 -5.45 16.73 13.97
CA ILE A 129 -6.49 17.74 13.85
C ILE A 129 -6.66 18.50 15.16
N GLU A 130 -6.25 17.91 16.28
CA GLU A 130 -6.28 18.65 17.54
C GLU A 130 -5.19 19.72 17.57
N LYS A 131 -4.00 19.39 17.05
CA LYS A 131 -2.96 20.40 16.92
C LYS A 131 -3.43 21.56 16.05
N VAL A 132 -4.02 21.24 14.90
CA VAL A 132 -4.56 22.27 14.02
C VAL A 132 -5.64 23.06 14.74
N SER A 133 -6.38 22.42 15.64
CA SER A 133 -7.45 23.10 16.35
C SER A 133 -6.90 24.22 17.24
N ARG A 134 -5.68 24.04 17.76
CA ARG A 134 -5.09 25.08 18.59
C ARG A 134 -4.47 26.19 17.76
N ARG A 135 -3.95 25.88 16.57
CA ARG A 135 -3.37 26.93 15.74
C ARG A 135 -4.44 27.79 15.08
N SER A 136 -5.50 27.15 14.56
CA SER A 136 -6.49 27.86 13.75
C SER A 136 -7.73 28.25 14.55
N ASN A 137 -7.64 28.24 15.88
CA ASN A 137 -8.66 28.81 16.75
C ASN A 137 -10.04 28.24 16.42
N PHE A 138 -10.16 26.92 16.58
CA PHE A 138 -11.45 26.25 16.54
C PHE A 138 -11.35 25.04 17.46
N GLU A 139 -12.44 24.76 18.16
CA GLU A 139 -12.45 23.67 19.13
C GLU A 139 -12.33 22.32 18.43
N PHE A 140 -11.51 21.44 19.01
CA PHE A 140 -11.32 20.11 18.41
C PHE A 140 -12.64 19.36 18.31
N GLY A 141 -13.50 19.51 19.31
CA GLY A 141 -14.78 18.80 19.29
C GLY A 141 -15.67 19.20 18.13
N ARG A 142 -15.61 20.47 17.70
CA ARG A 142 -16.49 20.94 16.64
C ARG A 142 -16.08 20.37 15.29
N ALA A 143 -14.81 20.05 15.10
CA ALA A 143 -14.36 19.44 13.86
C ALA A 143 -14.57 17.92 13.89
N ARG A 144 -14.35 17.32 15.07
CA ARG A 144 -14.55 15.87 15.21
C ARG A 144 -16.00 15.49 15.01
N MET A 145 -16.92 16.35 15.45
CA MET A 145 -18.35 16.21 15.20
C MET A 145 -18.65 15.69 13.80
N PHE A 146 -17.94 16.23 12.80
CA PHE A 146 -18.18 15.81 11.43
C PHE A 146 -18.02 14.30 11.27
N GLY A 147 -17.03 13.72 11.95
CA GLY A 147 -16.77 12.30 11.79
C GLY A 147 -17.93 11.43 12.23
N CYS A 148 -18.66 11.88 13.27
CA CYS A 148 -19.85 11.14 13.69
C CYS A 148 -20.84 11.02 12.55
N VAL A 149 -21.07 12.11 11.80
CA VAL A 149 -22.02 12.08 10.70
C VAL A 149 -21.50 11.19 9.58
N GLY A 150 -20.28 11.45 9.11
CA GLY A 150 -19.70 10.60 8.08
C GLY A 150 -19.76 9.13 8.45
N TRP A 151 -19.53 8.81 9.72
CA TRP A 151 -19.65 7.43 10.19
C TRP A 151 -21.09 6.96 10.07
N ALA A 152 -22.04 7.79 10.50
CA ALA A 152 -23.45 7.42 10.41
C ALA A 152 -23.91 7.36 8.96
N LEU A 153 -23.56 8.38 8.16
CA LEU A 153 -23.95 8.39 6.76
C LEU A 153 -23.54 7.09 6.06
N CYS A 154 -22.31 6.62 6.32
CA CYS A 154 -21.85 5.40 5.69
C CYS A 154 -22.57 4.18 6.23
N ALA A 155 -22.90 4.17 7.53
CA ALA A 155 -23.68 3.07 8.08
C ALA A 155 -25.04 2.95 7.41
N SER A 156 -25.61 4.08 7.00
CA SER A 156 -26.90 4.04 6.30
C SER A 156 -26.75 3.48 4.90
N ILE A 157 -25.74 3.95 4.16
CA ILE A 157 -25.57 3.53 2.77
C ILE A 157 -25.30 2.03 2.68
N VAL A 158 -24.57 1.46 3.65
CA VAL A 158 -24.28 0.04 3.56
C VAL A 158 -25.51 -0.79 3.91
N GLY A 159 -26.32 -0.34 4.87
CA GLY A 159 -27.53 -1.07 5.18
C GLY A 159 -28.48 -1.16 4.00
N ILE A 160 -28.62 -0.06 3.26
CA ILE A 160 -29.54 -0.04 2.12
C ILE A 160 -29.11 -1.04 1.06
N MET A 161 -27.83 -1.06 0.74
CA MET A 161 -27.32 -1.86 -0.38
C MET A 161 -26.78 -3.23 0.05
N PHE A 162 -26.89 -3.59 1.32
CA PHE A 162 -26.50 -4.93 1.74
C PHE A 162 -27.15 -5.98 0.84
N THR A 163 -28.44 -5.82 0.56
CA THR A 163 -29.13 -6.76 -0.32
C THR A 163 -28.72 -6.59 -1.78
N ILE A 164 -28.33 -5.37 -2.19
CA ILE A 164 -28.19 -5.06 -3.61
C ILE A 164 -26.75 -5.32 -4.04
N ASN A 165 -25.84 -4.41 -3.70
CA ASN A 165 -24.43 -4.54 -4.09
C ASN A 165 -23.55 -4.27 -2.86
N ASN A 166 -22.88 -5.31 -2.38
CA ASN A 166 -22.04 -5.17 -1.19
C ASN A 166 -20.75 -4.41 -1.49
N GLN A 167 -20.27 -4.46 -2.74
CA GLN A 167 -18.99 -3.84 -3.05
C GLN A 167 -19.10 -2.34 -3.24
N PHE A 168 -20.30 -1.81 -3.47
CA PHE A 168 -20.46 -0.39 -3.76
C PHE A 168 -19.84 0.48 -2.68
N VAL A 169 -20.13 0.17 -1.41
CA VAL A 169 -19.66 1.03 -0.32
C VAL A 169 -18.14 1.14 -0.34
N PHE A 170 -17.45 0.02 -0.57
CA PHE A 170 -15.99 0.04 -0.53
C PHE A 170 -15.43 0.97 -1.59
N TRP A 171 -16.02 0.97 -2.78
CA TRP A 171 -15.57 1.87 -3.84
C TRP A 171 -15.80 3.32 -3.45
N LEU A 172 -16.93 3.63 -2.83
CA LEU A 172 -17.16 4.99 -2.34
C LEU A 172 -16.11 5.37 -1.31
N GLY A 173 -15.73 4.44 -0.44
CA GLY A 173 -14.69 4.73 0.54
C GLY A 173 -13.39 5.15 -0.11
N SER A 174 -13.03 4.50 -1.21
CA SER A 174 -11.85 4.93 -1.96
C SER A 174 -12.04 6.33 -2.52
N GLY A 175 -13.22 6.62 -3.06
CA GLY A 175 -13.52 7.97 -3.50
C GLY A 175 -13.34 8.98 -2.38
N CYS A 176 -13.84 8.66 -1.19
CA CYS A 176 -13.64 9.53 -0.04
C CYS A 176 -12.16 9.81 0.19
N ALA A 177 -11.30 8.84 -0.09
CA ALA A 177 -9.86 9.04 0.12
C ALA A 177 -9.33 10.13 -0.80
N LEU A 178 -9.89 10.24 -2.00
CA LEU A 178 -9.46 11.30 -2.90
C LEU A 178 -10.05 12.63 -2.47
N ILE A 179 -11.24 12.62 -1.87
CA ILE A 179 -11.76 13.82 -1.23
C ILE A 179 -10.81 14.29 -0.14
N LEU A 180 -10.30 13.36 0.67
CA LEU A 180 -9.37 13.72 1.73
C LEU A 180 -8.11 14.38 1.17
N ALA A 181 -7.57 13.82 0.08
CA ALA A 181 -6.36 14.39 -0.51
C ALA A 181 -6.59 15.84 -0.92
N VAL A 182 -7.72 16.12 -1.58
CA VAL A 182 -8.02 17.49 -1.99
C VAL A 182 -8.05 18.40 -0.76
N LEU A 183 -8.74 17.97 0.30
CA LEU A 183 -8.80 18.77 1.52
C LEU A 183 -7.40 18.94 2.12
N LEU A 184 -6.62 17.85 2.17
CA LEU A 184 -5.27 17.95 2.69
C LEU A 184 -4.44 18.92 1.85
N PHE A 185 -4.69 18.94 0.53
CA PHE A 185 -3.94 19.81 -0.36
C PHE A 185 -4.18 21.28 -0.01
N PHE A 186 -5.43 21.65 0.26
CA PHE A 186 -5.79 23.05 0.47
C PHE A 186 -5.84 23.45 1.93
N ALA A 187 -5.73 22.51 2.87
CA ALA A 187 -5.55 22.88 4.27
C ALA A 187 -4.21 23.61 4.41
N LYS A 188 -4.20 24.66 5.23
CA LYS A 188 -3.01 25.49 5.36
C LYS A 188 -2.31 25.16 6.67
N THR A 189 -1.00 24.96 6.59
CA THR A 189 -0.20 24.44 7.68
C THR A 189 1.23 24.95 7.58
N ALA A 203 17.59 24.10 18.12
CA ALA A 203 17.62 25.51 18.45
C ALA A 203 16.35 25.93 19.19
N ASN A 204 15.31 25.12 19.07
CA ASN A 204 14.04 25.34 19.75
C ASN A 204 13.83 24.18 20.73
N HIS A 205 13.95 24.47 22.02
CA HIS A 205 13.85 23.44 23.06
C HIS A 205 12.43 23.29 23.59
N SER A 206 11.46 23.98 23.00
CA SER A 206 10.06 23.64 23.18
C SER A 206 9.59 22.66 22.12
N ALA A 207 10.44 22.31 21.16
CA ALA A 207 10.12 21.36 20.12
C ALA A 207 10.23 19.93 20.66
N PHE A 208 9.70 18.99 19.89
CA PHE A 208 9.71 17.59 20.29
C PHE A 208 11.14 17.08 20.32
N SER A 209 11.48 16.37 21.39
CA SER A 209 12.75 15.64 21.48
C SER A 209 12.45 14.23 21.97
N LEU A 210 12.96 13.24 21.24
CA LEU A 210 12.63 11.86 21.55
C LEU A 210 13.21 11.45 22.91
N LYS A 211 14.42 11.93 23.21
CA LYS A 211 15.05 11.57 24.48
C LYS A 211 14.13 11.87 25.66
N LEU A 212 13.59 13.08 25.72
CA LEU A 212 12.68 13.46 26.78
C LEU A 212 11.30 12.88 26.59
N ALA A 213 10.96 12.41 25.39
CA ALA A 213 9.68 11.77 25.18
C ALA A 213 9.60 10.47 25.97
N LEU A 214 10.70 9.71 26.00
CA LEU A 214 10.71 8.40 26.66
C LEU A 214 10.84 8.52 28.17
N GLU A 215 11.29 9.67 28.68
CA GLU A 215 11.25 9.95 30.11
C GLU A 215 9.85 10.29 30.59
N LEU A 216 8.87 10.33 29.67
CA LEU A 216 7.48 10.44 30.08
C LEU A 216 7.06 9.24 30.94
N PHE A 217 7.66 8.07 30.67
CA PHE A 217 7.34 6.89 31.45
C PHE A 217 7.62 7.10 32.94
N ARG A 218 8.69 7.85 33.25
CA ARG A 218 9.06 8.01 34.65
C ARG A 218 8.04 8.84 35.43
N GLN A 219 7.28 9.71 34.76
CA GLN A 219 6.34 10.53 35.49
C GLN A 219 5.12 9.68 35.85
N PRO A 220 4.50 9.92 37.02
CA PRO A 220 3.47 9.00 37.50
C PRO A 220 2.06 9.33 37.00
N LYS A 221 1.82 10.57 36.58
CA LYS A 221 0.49 10.91 36.09
C LYS A 221 0.22 10.25 34.74
N LEU A 222 1.28 9.86 34.01
CA LEU A 222 1.10 9.02 32.83
C LEU A 222 0.66 7.62 33.24
N TRP A 223 1.22 7.11 34.36
CA TRP A 223 0.84 5.77 34.81
C TRP A 223 -0.62 5.73 35.23
N PHE A 224 -1.04 6.73 35.99
CA PHE A 224 -2.41 6.78 36.49
C PHE A 224 -3.40 7.12 35.39
N LEU A 225 -2.98 7.88 34.37
CA LEU A 225 -3.81 8.05 33.19
C LEU A 225 -3.97 6.72 32.47
N SER A 226 -2.87 5.99 32.27
CA SER A 226 -2.93 4.66 31.68
C SER A 226 -3.80 3.73 32.52
N LEU A 227 -3.75 3.87 33.84
CA LEU A 227 -4.59 3.05 34.70
C LEU A 227 -6.07 3.27 34.39
N TYR A 228 -6.44 4.54 34.17
CA TYR A 228 -7.81 4.84 33.75
C TYR A 228 -8.13 4.18 32.40
N VAL A 229 -7.22 4.31 31.44
CA VAL A 229 -7.45 3.73 30.12
C VAL A 229 -7.64 2.22 30.22
N ILE A 230 -6.70 1.55 30.88
CA ILE A 230 -6.78 0.08 30.98
C ILE A 230 -8.00 -0.30 31.81
N GLY A 231 -8.21 0.38 32.94
CA GLY A 231 -9.27 -0.02 33.84
C GLY A 231 -10.66 0.37 33.36
N VAL A 232 -10.77 1.42 32.55
CA VAL A 232 -12.07 1.96 32.18
C VAL A 232 -12.29 1.84 30.68
N SER A 233 -11.49 2.55 29.89
CA SER A 233 -11.73 2.60 28.46
C SER A 233 -11.57 1.23 27.80
N CYS A 234 -10.54 0.48 28.18
CA CYS A 234 -10.34 -0.84 27.59
C CYS A 234 -11.42 -1.81 28.03
N THR A 235 -11.78 -1.79 29.31
CA THR A 235 -12.91 -2.60 29.78
C THR A 235 -14.17 -2.27 29.00
N TYR A 236 -14.39 -0.98 28.72
CA TYR A 236 -15.60 -0.57 28.01
C TYR A 236 -15.56 -0.99 26.54
N ASP A 237 -14.38 -0.94 25.92
CA ASP A 237 -14.29 -1.27 24.50
C ASP A 237 -14.47 -2.77 24.27
N VAL A 238 -14.03 -3.60 25.21
CA VAL A 238 -14.25 -5.04 25.05
C VAL A 238 -15.70 -5.39 25.34
N PHE A 239 -16.37 -4.61 26.19
CA PHE A 239 -17.79 -4.82 26.41
C PHE A 239 -18.60 -4.56 25.13
N ASP A 240 -18.19 -3.54 24.37
CA ASP A 240 -18.90 -3.18 23.15
C ASP A 240 -18.63 -4.13 22.00
N GLN A 241 -17.64 -5.03 22.13
CA GLN A 241 -17.26 -5.86 20.99
C GLN A 241 -18.28 -6.96 20.73
N GLN A 242 -18.86 -7.53 21.78
CA GLN A 242 -19.90 -8.53 21.65
C GLN A 242 -21.29 -7.98 21.99
N PHE A 243 -21.43 -6.66 22.11
CA PHE A 243 -22.71 -6.08 22.47
C PHE A 243 -23.73 -6.20 21.35
N ALA A 244 -23.26 -6.28 20.10
CA ALA A 244 -24.18 -6.35 18.97
C ALA A 244 -25.05 -7.60 19.03
N ASN A 245 -24.43 -8.77 19.22
CA ASN A 245 -25.21 -10.00 19.33
C ASN A 245 -26.09 -9.99 20.58
N PHE A 246 -25.55 -9.46 21.68
CA PHE A 246 -26.36 -9.31 22.90
C PHE A 246 -27.55 -8.40 22.64
N PHE A 247 -27.37 -7.37 21.81
CA PHE A 247 -28.48 -6.48 21.48
C PHE A 247 -29.60 -7.24 20.75
N THR A 248 -29.24 -8.00 19.73
CA THR A 248 -30.26 -8.68 18.92
C THR A 248 -30.92 -9.83 19.67
N SER A 249 -30.27 -10.36 20.70
CA SER A 249 -30.86 -11.46 21.45
C SER A 249 -32.12 -11.03 22.20
N PHE A 250 -32.32 -9.72 22.38
CA PHE A 250 -33.54 -9.21 23.00
C PHE A 250 -34.74 -9.27 22.06
N PHE A 251 -34.52 -9.53 20.77
CA PHE A 251 -35.57 -9.50 19.77
C PHE A 251 -35.86 -10.92 19.28
N ALA A 252 -37.15 -11.27 19.27
CA ALA A 252 -37.58 -12.57 18.79
C ALA A 252 -37.38 -12.73 17.28
N THR A 253 -37.46 -11.64 16.52
CA THR A 253 -37.43 -11.76 15.07
C THR A 253 -36.02 -11.88 14.52
N GLY A 254 -35.07 -11.15 15.11
CA GLY A 254 -33.68 -11.21 14.67
C GLY A 254 -33.46 -10.36 13.43
N GLU A 255 -34.43 -10.33 12.52
CA GLU A 255 -34.37 -9.40 11.40
C GLU A 255 -34.73 -7.99 11.86
N GLN A 256 -35.72 -7.88 12.75
CA GLN A 256 -36.02 -6.60 13.38
C GLN A 256 -35.01 -6.27 14.47
N GLY A 257 -34.34 -7.29 15.03
CA GLY A 257 -33.27 -7.01 15.97
C GLY A 257 -32.15 -6.23 15.32
N THR A 258 -31.76 -6.65 14.11
CA THR A 258 -30.74 -5.91 13.37
C THR A 258 -31.26 -4.55 12.92
N ARG A 259 -32.48 -4.51 12.38
CA ARG A 259 -32.96 -3.25 11.81
C ARG A 259 -33.19 -2.21 12.90
N VAL A 260 -33.65 -2.62 14.08
CA VAL A 260 -33.71 -1.69 15.20
C VAL A 260 -32.30 -1.28 15.59
N PHE A 261 -31.38 -2.24 15.65
CA PHE A 261 -29.97 -1.94 15.86
C PHE A 261 -29.47 -0.94 14.82
N TRP A 262 -29.73 -1.21 13.54
CA TRP A 262 -29.34 -0.30 12.47
C TRP A 262 -29.86 1.11 12.70
N TYR A 263 -31.14 1.23 13.02
CA TYR A 263 -31.72 2.56 13.21
C TYR A 263 -31.05 3.28 14.38
N VAL A 264 -30.77 2.57 15.47
CA VAL A 264 -30.23 3.24 16.65
C VAL A 264 -28.80 3.71 16.40
N THR A 265 -28.01 2.94 15.65
CA THR A 265 -26.64 3.37 15.36
C THR A 265 -26.65 4.57 14.41
N THR A 266 -27.49 4.51 13.38
CA THR A 266 -27.51 5.57 12.37
C THR A 266 -27.89 6.91 12.99
N MET A 267 -29.07 6.97 13.62
CA MET A 267 -29.55 8.22 14.18
C MET A 267 -28.96 8.51 15.56
N GLY A 268 -28.46 7.49 16.26
CA GLY A 268 -27.79 7.74 17.52
C GLY A 268 -26.52 8.53 17.34
N GLU A 269 -25.78 8.27 16.26
CA GLU A 269 -24.55 9.00 16.00
C GLU A 269 -24.83 10.48 15.80
N LEU A 270 -26.01 10.84 15.29
CA LEU A 270 -26.37 12.24 15.15
C LEU A 270 -26.45 12.92 16.52
N LEU A 271 -27.05 12.24 17.51
CA LEU A 271 -27.02 12.77 18.87
C LEU A 271 -25.59 12.88 19.38
N ASN A 272 -24.74 11.90 19.05
CA ASN A 272 -23.33 11.98 19.43
C ASN A 272 -22.71 13.29 18.93
N ALA A 273 -22.96 13.63 17.66
CA ALA A 273 -22.43 14.87 17.12
C ALA A 273 -22.98 16.08 17.86
N SER A 274 -24.27 16.06 18.19
CA SER A 274 -24.90 17.21 18.84
C SER A 274 -24.33 17.42 20.23
N ILE A 275 -24.21 16.33 21.01
CA ILE A 275 -23.63 16.45 22.33
C ILE A 275 -22.20 16.96 22.24
N MET A 276 -21.48 16.54 21.19
CA MET A 276 -20.10 16.97 21.00
C MET A 276 -19.99 18.40 20.51
N PHE A 277 -21.07 18.96 19.95
CA PHE A 277 -21.07 20.38 19.60
C PHE A 277 -20.88 21.25 20.84
N PHE A 278 -21.59 20.92 21.92
CA PHE A 278 -21.53 21.69 23.15
C PHE A 278 -20.51 21.15 24.15
N ALA A 279 -20.02 19.93 23.95
CA ALA A 279 -19.09 19.34 24.92
C ALA A 279 -17.87 20.20 25.17
N PRO A 280 -17.28 20.88 24.19
CA PRO A 280 -16.14 21.77 24.51
C PRO A 280 -16.50 22.85 25.51
N LEU A 281 -17.65 23.51 25.34
CA LEU A 281 -18.07 24.53 26.30
C LEU A 281 -18.35 23.89 27.66
N ILE A 282 -19.05 22.75 27.68
CA ILE A 282 -19.28 22.05 28.94
C ILE A 282 -17.94 21.72 29.60
N ILE A 283 -17.05 21.08 28.85
CA ILE A 283 -15.81 20.58 29.42
C ILE A 283 -14.86 21.70 29.81
N ASN A 284 -15.00 22.89 29.23
CA ASN A 284 -14.11 23.98 29.59
C ASN A 284 -14.44 24.53 30.97
N ARG A 285 -15.72 24.57 31.33
CA ARG A 285 -16.11 25.05 32.66
C ARG A 285 -15.82 24.00 33.73
N ILE A 286 -16.20 22.75 33.51
CA ILE A 286 -15.83 21.69 34.42
C ILE A 286 -14.42 21.27 34.07
N GLY A 287 -13.84 20.36 34.84
CA GLY A 287 -12.50 19.91 34.55
C GLY A 287 -12.42 19.07 33.30
N GLY A 288 -11.20 18.92 32.78
CA GLY A 288 -10.93 17.85 31.85
C GLY A 288 -10.93 16.51 32.55
N LYS A 289 -10.61 16.51 33.85
CA LYS A 289 -10.70 15.30 34.65
C LYS A 289 -12.16 14.87 34.82
N ASN A 290 -13.02 15.80 35.26
CA ASN A 290 -14.42 15.46 35.48
C ASN A 290 -15.13 15.10 34.18
N ALA A 291 -14.63 15.57 33.04
CA ALA A 291 -15.13 15.06 31.77
C ALA A 291 -14.86 13.56 31.64
N LEU A 292 -13.66 13.13 32.02
CA LEU A 292 -13.34 11.71 31.96
C LEU A 292 -14.13 10.92 33.00
N LEU A 293 -14.29 11.48 34.21
CA LEU A 293 -15.02 10.75 35.25
C LEU A 293 -16.50 10.66 34.92
N LEU A 294 -17.03 11.72 34.30
CA LEU A 294 -18.39 11.67 33.76
C LEU A 294 -18.50 10.64 32.65
N ALA A 295 -17.51 10.61 31.75
CA ALA A 295 -17.47 9.62 30.69
C ALA A 295 -17.36 8.22 31.27
N GLY A 296 -16.47 8.04 32.24
CA GLY A 296 -16.39 6.76 32.93
C GLY A 296 -17.67 6.42 33.66
N THR A 297 -18.36 7.42 34.20
CA THR A 297 -19.64 7.17 34.87
C THR A 297 -20.69 6.69 33.88
N ILE A 298 -20.78 7.35 32.72
CA ILE A 298 -21.72 6.90 31.70
C ILE A 298 -21.31 5.52 31.19
N MET A 299 -20.01 5.29 31.03
CA MET A 299 -19.53 3.95 30.65
C MET A 299 -20.03 2.90 31.63
N SER A 300 -19.77 3.10 32.92
CA SER A 300 -20.10 2.09 33.91
C SER A 300 -21.60 1.81 33.98
N VAL A 301 -22.42 2.87 33.87
CA VAL A 301 -23.86 2.68 33.95
C VAL A 301 -24.36 1.82 32.79
N ARG A 302 -23.83 2.06 31.59
CA ARG A 302 -24.25 1.26 30.44
C ARG A 302 -23.91 -0.22 30.64
N ILE A 303 -22.72 -0.50 31.16
CA ILE A 303 -22.30 -1.90 31.35
C ILE A 303 -23.20 -2.56 32.38
N ILE A 304 -23.25 -2.00 33.60
CA ILE A 304 -24.03 -2.61 34.67
C ILE A 304 -25.50 -2.67 34.28
N GLY A 305 -26.02 -1.61 33.66
CA GLY A 305 -27.40 -1.61 33.24
C GLY A 305 -27.75 -2.75 32.30
N SER A 306 -26.77 -3.25 31.54
CA SER A 306 -27.04 -4.29 30.58
C SER A 306 -27.20 -5.66 31.25
N SER A 307 -26.59 -5.85 32.42
CA SER A 307 -26.75 -7.14 33.11
C SER A 307 -28.15 -7.28 33.69
N PHE A 308 -28.75 -6.18 34.16
CA PHE A 308 -30.10 -6.21 34.68
C PHE A 308 -31.15 -6.01 33.61
N ALA A 309 -30.75 -5.57 32.43
CA ALA A 309 -31.71 -5.35 31.36
C ALA A 309 -32.40 -6.65 30.99
N THR A 310 -33.68 -6.55 30.65
CA THR A 310 -34.46 -7.70 30.23
C THR A 310 -35.28 -7.42 28.98
N SER A 311 -35.45 -6.17 28.59
CA SER A 311 -36.43 -5.75 27.60
C SER A 311 -35.74 -5.19 26.36
N ALA A 312 -36.43 -5.31 25.23
CA ALA A 312 -35.90 -4.75 23.98
C ALA A 312 -35.75 -3.23 24.10
N LEU A 313 -36.70 -2.57 24.77
CA LEU A 313 -36.59 -1.13 24.95
C LEU A 313 -35.38 -0.76 25.79
N GLU A 314 -35.15 -1.48 26.89
CA GLU A 314 -34.08 -1.11 27.80
C GLU A 314 -32.72 -1.11 27.11
N VAL A 315 -32.50 -1.99 26.13
CA VAL A 315 -31.21 -2.05 25.47
C VAL A 315 -31.11 -1.07 24.32
N VAL A 316 -32.23 -0.66 23.72
CA VAL A 316 -32.18 0.49 22.81
C VAL A 316 -31.68 1.71 23.57
N ILE A 317 -32.12 1.84 24.84
CA ILE A 317 -31.61 2.91 25.69
C ILE A 317 -30.14 2.69 25.99
N LEU A 318 -29.78 1.46 26.38
CA LEU A 318 -28.40 1.19 26.79
C LEU A 318 -27.43 1.29 25.63
N LYS A 319 -27.91 1.10 24.40
CA LYS A 319 -27.07 1.32 23.23
C LYS A 319 -27.01 2.78 22.83
N THR A 320 -28.03 3.57 23.19
CA THR A 320 -27.99 5.01 23.02
C THR A 320 -27.10 5.70 24.04
N LEU A 321 -26.82 5.05 25.18
CA LEU A 321 -25.96 5.66 26.19
C LEU A 321 -24.56 5.91 25.65
N HIS A 322 -24.08 5.06 24.73
CA HIS A 322 -22.78 5.28 24.11
C HIS A 322 -22.65 6.70 23.56
N MET A 323 -23.73 7.22 22.97
CA MET A 323 -23.68 8.54 22.35
C MET A 323 -23.46 9.66 23.36
N PHE A 324 -23.82 9.45 24.63
CA PHE A 324 -23.53 10.44 25.65
C PHE A 324 -22.08 10.35 26.12
N GLU A 325 -21.52 9.14 26.12
CA GLU A 325 -20.19 8.90 26.67
C GLU A 325 -19.10 9.41 25.74
N VAL A 326 -19.21 9.11 24.44
CA VAL A 326 -18.12 9.39 23.52
C VAL A 326 -17.67 10.84 23.57
N PRO A 327 -18.57 11.84 23.51
CA PRO A 327 -18.09 13.24 23.42
C PRO A 327 -17.22 13.65 24.60
N PHE A 328 -17.54 13.22 25.81
CA PHE A 328 -16.77 13.63 26.97
C PHE A 328 -15.49 12.83 27.12
N LEU A 329 -15.43 11.62 26.55
CA LEU A 329 -14.19 10.86 26.57
C LEU A 329 -13.22 11.37 25.51
N LEU A 330 -13.71 11.70 24.32
CA LEU A 330 -12.82 12.11 23.23
C LEU A 330 -12.39 13.56 23.39
N VAL A 331 -13.34 14.46 23.66
CA VAL A 331 -12.99 15.86 23.90
C VAL A 331 -12.29 16.00 25.24
N GLY A 332 -12.71 15.22 26.24
CA GLY A 332 -12.12 15.34 27.56
C GLY A 332 -10.68 14.86 27.62
N CYS A 333 -10.39 13.75 26.95
CA CYS A 333 -9.04 13.19 27.02
C CYS A 333 -8.02 14.16 26.44
N PHE A 334 -8.39 14.88 25.37
CA PHE A 334 -7.46 15.83 24.78
C PHE A 334 -7.31 17.07 25.65
N LYS A 335 -8.40 17.52 26.27
CA LYS A 335 -8.29 18.62 27.23
C LYS A 335 -7.41 18.22 28.41
N TYR A 336 -7.50 16.96 28.85
CA TYR A 336 -6.70 16.50 29.97
C TYR A 336 -5.22 16.36 29.59
N ILE A 337 -4.95 15.88 28.38
CA ILE A 337 -3.58 15.69 27.95
C ILE A 337 -2.87 17.03 27.78
N THR A 338 -3.54 17.99 27.14
CA THR A 338 -2.92 19.29 26.93
C THR A 338 -2.82 20.11 28.20
N SER A 339 -3.64 19.81 29.20
CA SER A 339 -3.63 20.57 30.44
C SER A 339 -2.51 20.12 31.38
N GLN A 340 -2.25 18.81 31.45
CA GLN A 340 -1.37 18.26 32.48
C GLN A 340 -0.08 17.66 31.92
N PHE A 341 0.20 17.85 30.63
CA PHE A 341 1.47 17.42 30.06
C PHE A 341 1.96 18.50 29.10
N GLU A 342 3.26 18.48 28.81
CA GLU A 342 3.79 19.40 27.83
C GLU A 342 3.15 19.10 26.48
N VAL A 343 2.53 20.13 25.88
CA VAL A 343 1.70 19.89 24.70
C VAL A 343 2.52 19.57 23.45
N ARG A 344 3.85 19.66 23.53
CA ARG A 344 4.68 19.10 22.47
C ARG A 344 4.63 17.58 22.43
N PHE A 345 4.10 16.96 23.49
CA PHE A 345 3.98 15.50 23.58
C PHE A 345 2.52 15.05 23.50
N SER A 346 1.64 15.88 22.93
CA SER A 346 0.22 15.55 22.90
C SER A 346 -0.02 14.21 22.21
N ALA A 347 0.48 14.08 20.98
CA ALA A 347 0.21 12.87 20.20
C ALA A 347 0.88 11.65 20.82
N THR A 348 2.12 11.81 21.32
CA THR A 348 2.80 10.71 21.99
C THR A 348 1.97 10.19 23.16
N ILE A 349 1.48 11.10 24.01
CA ILE A 349 0.71 10.69 25.18
C ILE A 349 -0.58 10.02 24.76
N TYR A 350 -1.23 10.55 23.73
CA TYR A 350 -2.53 10.02 23.32
C TYR A 350 -2.41 8.62 22.74
N LEU A 351 -1.44 8.40 21.85
CA LEU A 351 -1.35 7.11 21.17
C LEU A 351 -0.64 6.05 22.00
N VAL A 352 0.06 6.43 23.07
CA VAL A 352 0.66 5.44 23.96
C VAL A 352 -0.31 5.06 25.08
N CYS A 353 -0.89 6.05 25.75
CA CYS A 353 -1.77 5.77 26.88
C CYS A 353 -3.12 5.26 26.42
N PHE A 354 -3.79 6.00 25.52
CA PHE A 354 -5.16 5.67 25.16
C PHE A 354 -5.27 4.60 24.09
N CYS A 355 -4.21 4.36 23.32
CA CYS A 355 -4.25 3.39 22.23
C CYS A 355 -3.39 2.17 22.56
N PHE A 356 -2.06 2.34 22.64
CA PHE A 356 -1.19 1.19 22.86
C PHE A 356 -1.59 0.42 24.11
N PHE A 357 -1.76 1.12 25.23
CA PHE A 357 -2.04 0.42 26.48
C PHE A 357 -3.44 -0.18 26.47
N LYS A 358 -4.43 0.52 25.92
CA LYS A 358 -5.74 -0.08 25.74
C LYS A 358 -5.62 -1.31 24.85
N GLN A 359 -4.94 -1.18 23.71
CA GLN A 359 -4.83 -2.28 22.77
C GLN A 359 -4.06 -3.45 23.36
N LEU A 360 -3.07 -3.16 24.22
CA LEU A 360 -2.35 -4.24 24.90
C LEU A 360 -3.23 -4.91 25.94
N ALA A 361 -3.87 -4.13 26.80
CA ALA A 361 -4.81 -4.69 27.76
C ALA A 361 -5.97 -5.39 27.05
N MET A 362 -6.40 -4.83 25.92
CA MET A 362 -7.53 -5.40 25.18
C MET A 362 -7.28 -6.85 24.79
N ILE A 363 -6.02 -7.20 24.51
CA ILE A 363 -5.69 -8.57 24.13
C ILE A 363 -6.04 -9.51 25.27
N PHE A 364 -5.68 -9.15 26.50
CA PHE A 364 -5.84 -10.06 27.63
C PHE A 364 -7.27 -10.06 28.17
N MET A 365 -7.98 -8.93 28.10
CA MET A 365 -9.30 -8.87 28.71
C MET A 365 -10.43 -9.24 27.74
N SER A 366 -10.18 -9.35 26.45
CA SER A 366 -11.20 -9.91 25.58
C SER A 366 -11.16 -11.43 25.53
N VAL A 367 -10.06 -12.05 25.99
CA VAL A 367 -10.10 -13.49 26.25
C VAL A 367 -10.74 -13.76 27.60
N LEU A 368 -10.51 -12.87 28.57
CA LEU A 368 -11.18 -13.01 29.86
C LEU A 368 -12.66 -12.64 29.75
N ALA A 369 -12.98 -11.64 28.92
CA ALA A 369 -14.38 -11.34 28.63
C ALA A 369 -15.04 -12.46 27.85
N GLY A 370 -14.37 -12.91 26.77
CA GLY A 370 -14.94 -13.97 25.95
C GLY A 370 -15.15 -15.25 26.71
N ASN A 371 -14.27 -15.56 27.65
CA ASN A 371 -14.36 -16.80 28.41
C ASN A 371 -15.43 -16.75 29.49
N MET A 372 -15.82 -15.56 29.94
CA MET A 372 -16.93 -15.44 30.87
C MET A 372 -18.29 -15.53 30.19
N TYR A 373 -18.40 -15.02 28.95
CA TYR A 373 -19.66 -15.14 28.23
C TYR A 373 -20.10 -16.60 28.13
N GLU A 374 -19.14 -17.52 28.01
CA GLU A 374 -19.43 -18.94 27.89
C GLU A 374 -19.58 -19.64 29.23
N SER A 375 -18.84 -19.22 30.25
CA SER A 375 -19.00 -19.85 31.57
C SER A 375 -20.28 -19.37 32.25
N ILE A 376 -20.36 -18.07 32.52
CA ILE A 376 -21.57 -17.46 33.07
C ILE A 376 -22.29 -16.74 31.95
N GLY A 377 -23.47 -16.20 32.24
CA GLY A 377 -24.24 -15.53 31.21
C GLY A 377 -23.58 -14.25 30.72
N PHE A 378 -24.23 -13.65 29.72
CA PHE A 378 -23.93 -12.25 29.40
C PHE A 378 -24.14 -11.37 30.62
N GLN A 379 -25.23 -11.60 31.34
CA GLN A 379 -25.59 -10.74 32.46
C GLN A 379 -24.53 -10.81 33.56
N GLY A 380 -24.11 -12.02 33.92
CA GLY A 380 -23.05 -12.16 34.90
C GLY A 380 -21.74 -11.59 34.42
N ALA A 381 -21.43 -11.76 33.14
CA ALA A 381 -20.19 -11.23 32.59
C ALA A 381 -20.20 -9.71 32.61
N TYR A 382 -21.31 -9.09 32.16
CA TYR A 382 -21.41 -7.64 32.15
C TYR A 382 -21.43 -7.06 33.56
N LEU A 383 -21.84 -7.85 34.55
CA LEU A 383 -21.78 -7.40 35.94
C LEU A 383 -20.33 -7.29 36.41
N VAL A 384 -19.50 -8.28 36.07
CA VAL A 384 -18.10 -8.26 36.48
C VAL A 384 -17.38 -7.04 35.88
N LEU A 385 -17.41 -6.94 34.55
CA LEU A 385 -16.72 -5.82 33.89
C LEU A 385 -17.30 -4.49 34.35
N GLY A 386 -18.60 -4.45 34.63
CA GLY A 386 -19.21 -3.22 35.09
C GLY A 386 -18.61 -2.72 36.39
N LEU A 387 -18.18 -3.64 37.25
CA LEU A 387 -17.59 -3.26 38.52
C LEU A 387 -16.10 -3.00 38.41
N VAL A 388 -15.41 -3.69 37.49
CA VAL A 388 -14.03 -3.31 37.18
C VAL A 388 -13.99 -1.89 36.63
N ALA A 389 -14.94 -1.55 35.76
CA ALA A 389 -14.96 -0.21 35.19
C ALA A 389 -15.42 0.83 36.20
N LEU A 390 -16.45 0.51 36.98
CA LEU A 390 -16.91 1.44 38.00
C LEU A 390 -15.88 1.60 39.11
N GLY A 391 -15.18 0.53 39.45
CA GLY A 391 -14.14 0.62 40.46
C GLY A 391 -12.99 1.51 40.04
N PHE A 392 -12.45 1.28 38.85
CA PHE A 392 -11.34 2.09 38.37
C PHE A 392 -11.76 3.50 38.01
N THR A 393 -13.06 3.73 37.77
CA THR A 393 -13.54 5.09 37.56
C THR A 393 -13.49 5.89 38.85
N LEU A 394 -13.89 5.26 39.97
CA LEU A 394 -13.88 5.94 41.26
C LEU A 394 -12.49 5.98 41.88
N ILE A 395 -11.65 4.99 41.57
CA ILE A 395 -10.24 5.10 41.94
C ILE A 395 -9.64 6.37 41.35
N SER A 396 -9.99 6.68 40.10
CA SER A 396 -9.44 7.82 39.40
C SER A 396 -10.14 9.13 39.75
N VAL A 397 -11.22 9.08 40.54
CA VAL A 397 -11.74 10.31 41.14
C VAL A 397 -10.69 10.92 42.05
N PHE A 398 -9.83 10.07 42.63
CA PHE A 398 -8.76 10.50 43.52
C PHE A 398 -7.39 10.46 42.85
N THR A 399 -7.24 9.63 41.83
CA THR A 399 -5.92 9.38 41.24
C THR A 399 -5.55 10.36 40.15
N LEU A 400 -6.47 10.63 39.22
CA LEU A 400 -6.16 11.58 38.15
C LEU A 400 -5.91 12.97 38.73
N SER A 401 -5.26 13.81 37.92
CA SER A 401 -4.74 15.10 38.36
C SER A 401 -5.66 16.20 37.81
N GLY A 402 -6.36 16.89 38.69
CA GLY A 402 -7.29 17.92 38.28
C GLY A 402 -8.16 18.42 39.41
N PRO A 403 -9.15 19.26 39.08
CA PRO A 403 -10.04 19.80 40.11
C PRO A 403 -10.79 18.71 40.89
N GLY A 404 -11.59 17.92 40.19
CA GLY A 404 -12.40 16.92 40.83
C GLY A 404 -13.87 17.24 40.80
N PRO A 405 -14.71 16.27 41.19
CA PRO A 405 -16.16 16.49 41.07
C PRO A 405 -16.74 17.48 42.07
N LEU A 406 -16.31 17.42 43.33
CA LEU A 406 -16.94 18.24 44.37
C LEU A 406 -16.61 19.71 44.28
N SER A 407 -15.62 20.12 43.48
CA SER A 407 -15.35 21.54 43.31
C SER A 407 -16.57 22.29 42.79
N LEU A 408 -17.51 21.60 42.15
CA LEU A 408 -18.69 22.19 41.54
C LEU A 408 -19.88 22.25 42.49
N LEU A 409 -19.75 21.72 43.70
CA LEU A 409 -20.80 21.84 44.70
C LEU A 409 -20.62 23.14 45.50
N GLN B 1 -20.36 -27.02 21.21
CA GLN B 1 -20.60 -25.66 21.80
C GLN B 1 -21.96 -25.62 22.47
N VAL B 2 -23.01 -25.83 21.67
CA VAL B 2 -24.39 -25.86 22.14
C VAL B 2 -25.04 -27.12 21.60
N GLN B 3 -25.74 -27.85 22.47
CA GLN B 3 -26.46 -29.06 22.09
C GLN B 3 -27.94 -28.86 22.38
N LEU B 4 -28.78 -29.22 21.40
CA LEU B 4 -30.23 -29.07 21.51
C LEU B 4 -30.87 -30.41 21.25
N VAL B 5 -31.64 -30.91 22.20
CA VAL B 5 -32.28 -32.22 22.10
C VAL B 5 -33.79 -32.02 22.25
N GLU B 6 -34.52 -32.20 21.15
CA GLU B 6 -35.97 -32.04 21.16
C GLU B 6 -36.64 -33.28 21.70
N SER B 7 -37.74 -33.09 22.42
CA SER B 7 -38.50 -34.18 23.01
C SER B 7 -39.96 -33.79 23.07
N GLY B 8 -40.82 -34.81 23.17
CA GLY B 8 -42.24 -34.59 23.38
C GLY B 8 -43.11 -34.79 22.16
N GLY B 9 -42.52 -35.03 21.00
CA GLY B 9 -43.30 -35.26 19.80
C GLY B 9 -44.12 -36.54 19.90
N GLY B 10 -44.77 -36.87 18.79
CA GLY B 10 -45.54 -38.10 18.70
C GLY B 10 -46.58 -37.98 17.61
N LEU B 11 -47.62 -38.80 17.75
CA LEU B 11 -48.76 -38.81 16.83
C LEU B 11 -50.03 -38.58 17.63
N VAL B 12 -50.87 -37.66 17.16
CA VAL B 12 -52.12 -37.30 17.82
C VAL B 12 -53.20 -37.12 16.76
N GLN B 13 -54.44 -37.07 17.21
CA GLN B 13 -55.57 -36.92 16.32
C GLN B 13 -55.90 -35.43 16.14
N ALA B 14 -56.57 -35.13 15.03
CA ALA B 14 -56.83 -33.75 14.67
C ALA B 14 -57.65 -33.06 15.76
N GLY B 15 -57.16 -31.91 16.21
CA GLY B 15 -57.84 -31.11 17.21
C GLY B 15 -57.22 -31.15 18.59
N ASP B 16 -56.20 -31.98 18.80
CA ASP B 16 -55.64 -32.17 20.13
C ASP B 16 -54.36 -31.36 20.26
N SER B 17 -53.92 -31.18 21.50
CA SER B 17 -52.73 -30.40 21.79
C SER B 17 -51.55 -31.31 22.09
N LEU B 18 -50.35 -30.77 21.89
CA LEU B 18 -49.12 -31.48 22.21
C LEU B 18 -48.04 -30.47 22.52
N ARG B 19 -47.30 -30.71 23.60
CA ARG B 19 -46.25 -29.82 24.06
C ARG B 19 -44.90 -30.49 23.80
N LEU B 20 -43.97 -29.73 23.22
CA LEU B 20 -42.63 -30.22 22.92
C LEU B 20 -41.63 -29.43 23.76
N SER B 21 -40.47 -30.05 23.99
CA SER B 21 -39.43 -29.47 24.81
C SER B 21 -38.09 -29.60 24.11
N CYS B 22 -37.11 -28.83 24.59
CA CYS B 22 -35.78 -28.81 24.00
C CYS B 22 -34.78 -28.60 25.12
N ALA B 23 -33.86 -29.54 25.27
CA ALA B 23 -32.85 -29.49 26.32
C ALA B 23 -31.62 -28.74 25.81
N ALA B 24 -31.21 -27.72 26.56
CA ALA B 24 -30.09 -26.87 26.19
C ALA B 24 -28.86 -27.29 26.98
N SER B 25 -27.86 -27.85 26.29
CA SER B 25 -26.62 -28.28 26.90
C SER B 25 -25.47 -27.47 26.31
N GLY B 26 -24.50 -27.13 27.16
CA GLY B 26 -23.32 -26.43 26.70
C GLY B 26 -23.21 -25.02 27.23
N ARG B 27 -23.10 -24.06 26.32
CA ARG B 27 -22.95 -22.66 26.69
C ARG B 27 -24.27 -22.10 27.25
N PRO B 28 -24.21 -20.98 27.94
CA PRO B 28 -25.39 -20.48 28.68
C PRO B 28 -26.61 -20.31 27.78
N PHE B 29 -27.68 -21.02 28.14
CA PHE B 29 -28.94 -20.90 27.41
C PHE B 29 -29.41 -19.45 27.38
N SER B 30 -29.23 -18.72 28.48
CA SER B 30 -29.71 -17.35 28.56
C SER B 30 -29.07 -16.43 27.53
N ASN B 31 -27.94 -16.83 26.95
CA ASN B 31 -27.23 -15.96 26.02
C ASN B 31 -27.79 -16.03 24.60
N TYR B 32 -28.72 -16.94 24.34
CA TYR B 32 -29.21 -17.19 22.98
C TYR B 32 -30.71 -16.97 22.90
N ALA B 33 -31.14 -16.17 21.92
CA ALA B 33 -32.52 -16.20 21.48
C ALA B 33 -32.75 -17.46 20.66
N MET B 34 -33.94 -18.04 20.78
CA MET B 34 -34.22 -19.33 20.16
C MET B 34 -35.49 -19.26 19.33
N GLY B 35 -35.67 -20.29 18.50
CA GLY B 35 -36.85 -20.42 17.67
C GLY B 35 -37.12 -21.88 17.36
N TRP B 36 -38.35 -22.13 16.94
CA TRP B 36 -38.77 -23.45 16.49
C TRP B 36 -38.96 -23.41 14.98
N PHE B 37 -38.46 -24.43 14.29
CA PHE B 37 -38.67 -24.62 12.87
C PHE B 37 -39.33 -25.97 12.64
N ARG B 38 -40.01 -26.11 11.50
CA ARG B 38 -40.61 -27.37 11.11
C ARG B 38 -40.37 -27.63 9.64
N GLN B 39 -40.34 -28.92 9.28
CA GLN B 39 -40.10 -29.36 7.91
C GLN B 39 -41.01 -30.52 7.59
N ALA B 40 -41.93 -30.30 6.64
CA ALA B 40 -42.79 -31.37 6.16
C ALA B 40 -42.27 -31.95 4.86
N PRO B 41 -42.66 -33.17 4.50
CA PRO B 41 -42.22 -33.73 3.22
C PRO B 41 -42.83 -32.94 2.06
N GLY B 42 -41.97 -32.59 1.09
CA GLY B 42 -42.42 -31.83 -0.06
C GLY B 42 -42.79 -30.40 0.22
N LYS B 43 -42.19 -29.79 1.24
CA LYS B 43 -42.42 -28.39 1.57
C LYS B 43 -41.12 -27.84 2.16
N GLU B 44 -40.98 -26.52 2.13
CA GLU B 44 -39.76 -25.90 2.61
C GLU B 44 -39.83 -25.71 4.13
N ARG B 45 -38.67 -25.73 4.78
CA ARG B 45 -38.61 -25.47 6.22
C ARG B 45 -39.12 -24.07 6.52
N GLU B 46 -39.97 -23.95 7.53
CA GLU B 46 -40.55 -22.68 7.93
C GLU B 46 -40.36 -22.48 9.42
N ARG B 47 -40.20 -21.22 9.81
CA ARG B 47 -40.11 -20.85 11.21
C ARG B 47 -41.51 -20.73 11.81
N VAL B 48 -41.74 -21.40 12.93
CA VAL B 48 -43.05 -21.36 13.57
C VAL B 48 -43.11 -20.28 14.64
N ALA B 49 -42.07 -20.16 15.47
CA ALA B 49 -42.07 -19.19 16.56
C ALA B 49 -40.63 -18.91 16.96
N SER B 50 -40.40 -17.68 17.44
CA SER B 50 -39.09 -17.28 17.95
C SER B 50 -39.32 -16.49 19.23
N ILE B 51 -38.27 -16.44 20.05
CA ILE B 51 -38.36 -15.82 21.37
C ILE B 51 -36.97 -15.32 21.77
N ASN B 52 -36.92 -14.13 22.36
CA ASN B 52 -35.67 -13.61 22.88
C ASN B 52 -35.26 -14.38 24.13
N TRP B 53 -34.05 -14.07 24.63
CA TRP B 53 -33.52 -14.80 25.77
C TRP B 53 -34.39 -14.65 27.01
N SER B 54 -34.91 -13.45 27.27
CA SER B 54 -35.68 -13.22 28.49
C SER B 54 -37.10 -13.78 28.38
N GLY B 55 -37.63 -13.87 27.18
CA GLY B 55 -39.06 -14.12 27.01
C GLY B 55 -39.91 -12.89 26.86
N THR B 56 -39.31 -11.72 26.72
CA THR B 56 -40.07 -10.48 26.64
C THR B 56 -40.73 -10.29 25.27
N ASP B 57 -40.22 -10.96 24.24
CA ASP B 57 -40.72 -10.77 22.89
C ASP B 57 -40.86 -12.12 22.21
N THR B 58 -41.96 -12.30 21.48
CA THR B 58 -42.24 -13.53 20.77
C THR B 58 -42.88 -13.19 19.43
N ASP B 59 -42.47 -13.90 18.39
CA ASP B 59 -43.00 -13.72 17.05
C ASP B 59 -43.43 -15.08 16.51
N TYR B 60 -44.67 -15.16 16.05
CA TYR B 60 -45.23 -16.40 15.52
C TYR B 60 -45.53 -16.24 14.04
N ALA B 61 -45.34 -17.32 13.30
CA ALA B 61 -45.78 -17.36 11.91
C ALA B 61 -47.29 -17.21 11.86
N ASP B 62 -47.78 -16.62 10.77
CA ASP B 62 -49.21 -16.43 10.61
C ASP B 62 -49.96 -17.75 10.50
N SER B 63 -49.24 -18.86 10.23
CA SER B 63 -49.91 -20.15 10.10
C SER B 63 -50.33 -20.71 11.45
N VAL B 64 -49.64 -20.33 12.53
CA VAL B 64 -49.88 -20.89 13.86
C VAL B 64 -49.96 -19.75 14.87
N LYS B 65 -50.16 -18.52 14.38
CA LYS B 65 -50.03 -17.34 15.22
C LYS B 65 -50.94 -17.41 16.45
N GLY B 66 -52.04 -18.13 16.37
CA GLY B 66 -52.97 -18.17 17.49
C GLY B 66 -52.91 -19.41 18.36
N ARG B 67 -52.47 -20.52 17.79
CA ARG B 67 -52.52 -21.81 18.47
C ARG B 67 -51.26 -22.07 19.29
N PHE B 68 -50.09 -21.88 18.70
CA PHE B 68 -48.86 -22.25 19.37
C PHE B 68 -48.45 -21.16 20.35
N THR B 69 -47.81 -21.59 21.44
CA THR B 69 -47.23 -20.69 22.43
C THR B 69 -45.81 -21.17 22.67
N ILE B 70 -44.85 -20.27 22.52
CA ILE B 70 -43.44 -20.58 22.72
C ILE B 70 -43.07 -20.13 24.13
N SER B 71 -42.39 -21.00 24.86
CA SER B 71 -42.04 -20.78 26.26
C SER B 71 -40.57 -21.12 26.44
N ARG B 72 -39.97 -20.57 27.49
CA ARG B 72 -38.63 -20.97 27.85
C ARG B 72 -38.44 -20.83 29.36
N ASP B 73 -37.54 -21.65 29.89
CA ASP B 73 -37.21 -21.68 31.32
C ASP B 73 -35.69 -21.66 31.38
N ASN B 74 -35.11 -20.46 31.56
CA ASN B 74 -33.66 -20.32 31.51
C ASN B 74 -32.98 -20.85 32.75
N ALA B 75 -33.69 -20.99 33.87
CA ALA B 75 -33.11 -21.66 35.02
C ALA B 75 -32.91 -23.14 34.71
N LYS B 76 -33.91 -23.78 34.09
CA LYS B 76 -33.82 -25.18 33.70
C LYS B 76 -33.29 -25.39 32.29
N ARG B 77 -32.85 -24.33 31.62
CA ARG B 77 -32.32 -24.40 30.25
C ARG B 77 -33.14 -25.34 29.36
N THR B 78 -34.45 -25.09 29.29
CA THR B 78 -35.34 -25.81 28.39
C THR B 78 -36.19 -24.80 27.61
N LEU B 79 -36.56 -25.21 26.40
CA LEU B 79 -37.33 -24.39 25.46
C LEU B 79 -38.52 -25.22 25.01
N TYR B 80 -39.73 -24.67 25.18
CA TYR B 80 -40.96 -25.41 24.95
C TYR B 80 -41.73 -24.85 23.76
N LEU B 81 -42.62 -25.68 23.22
CA LEU B 81 -43.55 -25.27 22.18
C LEU B 81 -44.90 -25.94 22.45
N GLN B 82 -45.80 -25.23 23.10
CA GLN B 82 -47.17 -25.70 23.25
C GLN B 82 -47.89 -25.54 21.91
N MET B 83 -48.51 -26.62 21.45
CA MET B 83 -49.23 -26.63 20.17
C MET B 83 -50.65 -27.08 20.42
N ASN B 84 -51.60 -26.21 20.15
CA ASN B 84 -53.01 -26.45 20.43
C ASN B 84 -53.80 -26.61 19.13
N THR B 85 -54.93 -27.29 19.25
CA THR B 85 -55.85 -27.53 18.12
C THR B 85 -55.05 -27.85 16.87
N LEU B 86 -54.26 -28.92 16.96
CA LEU B 86 -53.41 -29.31 15.84
C LEU B 86 -54.25 -29.88 14.70
N LYS B 87 -53.78 -29.62 13.49
CA LYS B 87 -54.45 -30.03 12.26
C LYS B 87 -53.52 -30.91 11.44
N PRO B 88 -54.06 -31.80 10.60
CA PRO B 88 -53.17 -32.65 9.80
C PRO B 88 -52.14 -31.87 9.01
N GLU B 89 -52.46 -30.64 8.62
CA GLU B 89 -51.49 -29.80 7.92
C GLU B 89 -50.25 -29.56 8.77
N ASP B 90 -50.41 -29.54 10.10
CA ASP B 90 -49.29 -29.26 10.99
C ASP B 90 -48.40 -30.49 11.24
N THR B 91 -48.51 -31.51 10.39
CA THR B 91 -47.71 -32.72 10.55
C THR B 91 -46.35 -32.49 9.90
N ALA B 92 -45.29 -32.53 10.71
CA ALA B 92 -43.94 -32.29 10.22
C ALA B 92 -42.95 -32.61 11.33
N VAL B 93 -41.66 -32.51 11.00
CA VAL B 93 -40.59 -32.63 11.97
C VAL B 93 -40.30 -31.25 12.54
N TYR B 94 -40.34 -31.12 13.87
CA TYR B 94 -40.18 -29.84 14.53
C TYR B 94 -38.78 -29.76 15.14
N TYR B 95 -38.05 -28.72 14.77
CA TYR B 95 -36.65 -28.57 15.16
C TYR B 95 -36.50 -27.43 16.17
N CYS B 96 -35.59 -27.63 17.11
CA CYS B 96 -35.15 -26.59 18.05
C CYS B 96 -33.89 -25.95 17.51
N ALA B 97 -33.82 -24.63 17.57
CA ALA B 97 -32.72 -23.90 16.95
C ALA B 97 -32.35 -22.67 17.78
N ALA B 98 -31.06 -22.41 17.87
CA ALA B 98 -30.52 -21.28 18.62
C ALA B 98 -29.99 -20.22 17.66
N ARG B 99 -30.30 -18.96 17.95
CA ARG B 99 -29.93 -17.83 17.12
C ARG B 99 -28.81 -17.05 17.81
N VAL B 100 -27.77 -16.70 17.05
CA VAL B 100 -26.72 -15.82 17.53
C VAL B 100 -27.03 -14.41 17.05
N GLY B 101 -26.69 -14.11 15.80
CA GLY B 101 -26.98 -12.82 15.22
C GLY B 101 -28.30 -12.89 14.49
N VAL B 102 -28.23 -12.96 13.16
CA VAL B 102 -29.39 -13.25 12.32
C VAL B 102 -29.39 -14.72 11.92
N ASP B 103 -28.26 -15.41 12.07
CA ASP B 103 -28.12 -16.80 11.69
C ASP B 103 -28.48 -17.69 12.87
N TYR B 104 -29.32 -18.69 12.63
CA TYR B 104 -29.57 -19.72 13.62
C TYR B 104 -28.38 -20.68 13.60
N LYS B 105 -27.55 -20.66 14.61
CA LYS B 105 -26.23 -21.25 14.53
C LYS B 105 -26.17 -22.63 15.25
N TYR B 106 -27.26 -23.11 15.90
CA TYR B 106 -27.25 -24.48 16.43
C TYR B 106 -28.63 -25.11 16.24
N TRP B 107 -28.65 -26.40 15.89
CA TRP B 107 -29.90 -27.13 15.68
C TRP B 107 -29.88 -28.42 16.51
N GLY B 108 -31.09 -28.93 16.77
CA GLY B 108 -31.25 -30.26 17.32
C GLY B 108 -31.59 -31.26 16.23
N GLN B 109 -31.62 -32.53 16.62
CA GLN B 109 -31.90 -33.57 15.64
C GLN B 109 -33.35 -33.50 15.16
N GLY B 110 -34.26 -33.03 16.01
CA GLY B 110 -35.65 -32.87 15.62
C GLY B 110 -36.54 -33.99 16.13
N THR B 111 -37.80 -33.67 16.34
CA THR B 111 -38.80 -34.62 16.83
C THR B 111 -39.97 -34.65 15.86
N GLN B 112 -40.39 -35.85 15.47
CA GLN B 112 -41.44 -36.01 14.48
C GLN B 112 -42.80 -35.83 15.13
N VAL B 113 -43.67 -35.06 14.49
CA VAL B 113 -45.03 -34.81 14.94
C VAL B 113 -45.98 -35.20 13.81
N THR B 114 -46.89 -36.13 14.10
CA THR B 114 -47.83 -36.64 13.11
C THR B 114 -49.26 -36.40 13.60
N VAL B 115 -50.10 -35.87 12.71
CA VAL B 115 -51.48 -35.54 13.03
C VAL B 115 -52.39 -36.30 12.06
N SER B 116 -53.34 -37.04 12.61
CA SER B 116 -54.27 -37.82 11.81
C SER B 116 -55.45 -36.97 11.35
N SER B 117 -55.92 -37.25 10.14
CA SER B 117 -57.13 -36.61 9.63
C SER B 117 -58.39 -37.17 10.28
N HIS B 118 -58.31 -38.39 10.82
CA HIS B 118 -59.47 -39.02 11.45
C HIS B 118 -59.85 -38.27 12.72
N HIS B 119 -61.15 -38.18 12.97
CA HIS B 119 -61.75 -37.61 14.18
C HIS B 119 -61.90 -36.09 14.11
N HIS B 120 -61.97 -35.50 12.91
CA HIS B 120 -62.20 -34.07 12.77
C HIS B 120 -62.36 -33.72 11.29
N HIS B 121 -63.45 -33.03 10.95
CA HIS B 121 -63.73 -32.65 9.58
C HIS B 121 -63.53 -31.15 9.38
N MET C 1 -9.05 -3.99 -38.27
CA MET C 1 -8.58 -3.26 -37.05
C MET C 1 -8.74 -1.75 -37.22
N TYR C 2 -9.36 -1.12 -36.22
CA TYR C 2 -9.58 0.31 -36.21
C TYR C 2 -8.88 0.93 -35.02
N TYR C 3 -8.57 2.22 -35.14
CA TYR C 3 -7.78 2.92 -34.13
C TYR C 3 -8.35 4.27 -33.75
N LEU C 4 -8.77 5.08 -34.73
CA LEU C 4 -9.13 6.46 -34.44
C LEU C 4 -10.34 6.54 -33.51
N LYS C 5 -11.44 5.86 -33.87
CA LYS C 5 -12.64 5.85 -33.05
C LYS C 5 -12.73 4.60 -32.17
N ASN C 6 -11.62 3.91 -31.96
CA ASN C 6 -11.60 2.73 -31.08
C ASN C 6 -11.43 3.22 -29.65
N THR C 7 -12.52 3.21 -28.88
CA THR C 7 -12.48 3.78 -27.53
C THR C 7 -11.47 3.04 -26.66
N ASN C 8 -11.41 1.71 -26.76
CA ASN C 8 -10.56 0.94 -25.88
C ASN C 8 -9.10 1.00 -26.28
N PHE C 9 -8.81 1.19 -27.58
CA PHE C 9 -7.44 1.47 -27.99
C PHE C 9 -6.94 2.75 -27.35
N TRP C 10 -7.81 3.76 -27.24
CA TRP C 10 -7.38 5.04 -26.71
C TRP C 10 -7.22 5.03 -25.19
N MET C 11 -8.15 4.41 -24.47
CA MET C 11 -8.07 4.42 -23.02
C MET C 11 -6.85 3.66 -22.52
N PHE C 12 -6.44 2.60 -23.22
CA PHE C 12 -5.29 1.82 -22.78
C PHE C 12 -4.00 2.28 -23.43
N GLY C 13 -4.08 2.87 -24.62
CA GLY C 13 -2.94 3.64 -25.11
C GLY C 13 -2.57 4.75 -24.14
N LEU C 14 -3.57 5.53 -23.73
CA LEU C 14 -3.33 6.54 -22.70
C LEU C 14 -2.83 5.90 -21.41
N PHE C 15 -3.42 4.77 -21.01
CA PHE C 15 -2.96 4.08 -19.82
C PHE C 15 -1.46 3.80 -19.90
N PHE C 16 -0.99 3.35 -21.06
CA PHE C 16 0.45 3.19 -21.26
C PHE C 16 1.17 4.52 -21.09
N PHE C 17 0.63 5.59 -21.69
CA PHE C 17 1.25 6.90 -21.61
C PHE C 17 1.44 7.32 -20.15
N PHE C 18 0.35 7.35 -19.39
CA PHE C 18 0.43 7.83 -18.02
C PHE C 18 1.15 6.84 -17.13
N TYR C 19 0.99 5.54 -17.38
CA TYR C 19 1.72 4.56 -16.57
C TYR C 19 3.22 4.75 -16.72
N PHE C 20 3.70 4.83 -17.97
CA PHE C 20 5.14 4.95 -18.21
C PHE C 20 5.64 6.37 -17.97
N PHE C 21 4.76 7.37 -17.98
CA PHE C 21 5.13 8.66 -17.40
C PHE C 21 5.52 8.48 -15.93
N ILE C 22 4.69 7.74 -15.17
CA ILE C 22 4.99 7.52 -13.76
C ILE C 22 6.37 6.89 -13.60
N MET C 23 6.60 5.77 -14.30
CA MET C 23 7.91 5.12 -14.16
C MET C 23 9.01 5.95 -14.81
N GLY C 24 8.67 6.89 -15.67
CA GLY C 24 9.68 7.78 -16.23
C GLY C 24 10.35 8.63 -15.17
N ALA C 25 9.58 9.07 -14.18
CA ALA C 25 10.16 9.85 -13.09
C ALA C 25 11.10 8.98 -12.25
N TYR C 26 10.75 7.71 -12.06
CA TYR C 26 11.45 6.85 -11.12
C TYR C 26 12.69 6.21 -11.74
N PHE C 27 12.55 5.64 -12.94
CA PHE C 27 13.50 4.63 -13.41
C PHE C 27 14.72 5.20 -14.10
N PRO C 28 14.57 5.94 -15.21
CA PRO C 28 15.78 6.36 -15.93
C PRO C 28 16.71 7.22 -15.09
N PHE C 29 16.19 7.95 -14.12
CA PHE C 29 16.97 8.85 -13.29
C PHE C 29 16.99 8.40 -11.83
N PHE C 30 16.81 7.10 -11.60
CA PHE C 30 16.88 6.58 -10.24
C PHE C 30 18.27 6.73 -9.64
N PRO C 31 19.37 6.46 -10.36
CA PRO C 31 20.70 6.58 -9.73
C PRO C 31 21.01 7.98 -9.21
N ILE C 32 20.56 9.02 -9.92
CA ILE C 32 20.85 10.37 -9.45
C ILE C 32 19.94 10.75 -8.27
N TRP C 33 18.73 10.21 -8.22
CA TRP C 33 17.84 10.53 -7.11
C TRP C 33 18.41 10.02 -5.79
N LEU C 34 19.07 8.86 -5.81
CA LEU C 34 19.66 8.31 -4.61
C LEU C 34 20.98 9.00 -4.28
N HIS C 35 21.85 9.15 -5.28
CA HIS C 35 23.21 9.61 -5.01
C HIS C 35 23.29 11.12 -4.81
N ASP C 36 22.42 11.89 -5.45
CA ASP C 36 22.51 13.34 -5.40
C ASP C 36 21.52 14.00 -4.45
N ILE C 37 20.36 13.42 -4.22
CA ILE C 37 19.32 14.05 -3.41
C ILE C 37 19.23 13.45 -2.02
N ASN C 38 19.37 12.13 -1.90
CA ASN C 38 19.39 11.47 -0.59
C ASN C 38 20.81 11.11 -0.16
N HIS C 39 21.80 11.31 -1.02
CA HIS C 39 23.21 11.11 -0.69
C HIS C 39 23.45 9.71 -0.12
N ILE C 40 23.21 8.72 -0.98
CA ILE C 40 23.37 7.31 -0.64
C ILE C 40 24.68 6.82 -1.24
N SER C 41 25.45 6.05 -0.47
CA SER C 41 26.63 5.38 -0.98
C SER C 41 26.30 4.56 -2.23
N LYS C 42 27.30 4.29 -3.06
CA LYS C 42 27.16 3.25 -4.08
C LYS C 42 27.49 1.86 -3.55
N SER C 43 28.24 1.78 -2.45
CA SER C 43 28.28 0.54 -1.68
C SER C 43 26.87 0.03 -1.41
N ASP C 44 25.96 0.93 -1.08
CA ASP C 44 24.64 0.56 -0.57
C ASP C 44 23.60 0.40 -1.66
N THR C 45 23.81 1.03 -2.82
CA THR C 45 22.87 0.85 -3.93
C THR C 45 22.73 -0.61 -4.32
N TRP C 46 23.80 -1.39 -4.19
CA TRP C 46 23.69 -2.82 -4.48
C TRP C 46 22.76 -3.52 -3.51
N ILE C 47 22.59 -2.98 -2.31
CA ILE C 47 21.63 -3.55 -1.37
C ILE C 47 20.20 -3.21 -1.82
N ILE C 48 20.01 -2.03 -2.41
CA ILE C 48 18.70 -1.66 -2.94
C ILE C 48 18.37 -2.52 -4.15
N PHE C 49 19.33 -2.64 -5.09
CA PHE C 49 19.09 -3.48 -6.26
C PHE C 49 18.79 -4.92 -5.87
N ALA C 50 19.46 -5.43 -4.84
CA ALA C 50 19.22 -6.81 -4.42
C ALA C 50 17.81 -6.98 -3.85
N ALA C 51 17.37 -6.04 -3.02
CA ALA C 51 16.02 -6.12 -2.47
C ALA C 51 14.97 -6.09 -3.57
N ILE C 52 15.08 -5.10 -4.48
CA ILE C 52 14.15 -5.02 -5.61
C ILE C 52 14.18 -6.31 -6.41
N SER C 53 15.39 -6.80 -6.72
CA SER C 53 15.51 -8.02 -7.50
C SER C 53 14.83 -9.19 -6.81
N LEU C 54 14.99 -9.31 -5.49
CA LEU C 54 14.46 -10.47 -4.78
C LEU C 54 12.94 -10.42 -4.71
N PHE C 55 12.35 -9.26 -4.42
CA PHE C 55 10.90 -9.19 -4.33
C PHE C 55 10.25 -9.26 -5.70
N SER C 56 10.95 -8.80 -6.73
CA SER C 56 10.48 -9.03 -8.09
C SER C 56 10.45 -10.52 -8.40
N LEU C 57 11.48 -11.25 -7.98
CA LEU C 57 11.54 -12.68 -8.25
C LEU C 57 10.29 -13.40 -7.74
N LEU C 58 9.75 -12.97 -6.60
CA LEU C 58 8.56 -13.61 -6.07
C LEU C 58 7.28 -13.08 -6.73
N PHE C 59 7.24 -11.78 -7.04
CA PHE C 59 6.00 -11.18 -7.49
C PHE C 59 5.68 -11.56 -8.94
N GLN C 60 6.67 -11.53 -9.84
CA GLN C 60 6.30 -11.66 -11.25
C GLN C 60 5.85 -13.07 -11.62
N PRO C 61 6.41 -14.14 -11.06
CA PRO C 61 5.82 -15.46 -11.35
C PRO C 61 4.38 -15.56 -10.87
N LEU C 62 4.10 -15.02 -9.67
CA LEU C 62 2.72 -15.01 -9.19
C LEU C 62 1.88 -14.00 -9.96
N PHE C 63 2.47 -12.87 -10.36
CA PHE C 63 1.73 -11.90 -11.16
C PHE C 63 1.27 -12.52 -12.48
N GLY C 64 2.13 -13.32 -13.11
CA GLY C 64 1.77 -13.92 -14.38
C GLY C 64 0.64 -14.93 -14.25
N LEU C 65 0.71 -15.78 -13.22
CA LEU C 65 -0.36 -16.75 -12.99
C LEU C 65 -1.68 -16.03 -12.72
N LEU C 66 -1.65 -15.02 -11.85
CA LEU C 66 -2.87 -14.25 -11.59
C LEU C 66 -3.35 -13.54 -12.84
N SER C 67 -2.42 -13.04 -13.65
CA SER C 67 -2.79 -12.31 -14.86
C SER C 67 -3.59 -13.18 -15.83
N ASP C 68 -3.20 -14.45 -15.96
CA ASP C 68 -3.90 -15.34 -16.90
C ASP C 68 -5.21 -15.85 -16.32
N LYS C 69 -5.21 -16.29 -15.05
CA LYS C 69 -6.45 -16.69 -14.41
C LYS C 69 -7.49 -15.57 -14.48
N LEU C 70 -7.05 -14.33 -14.26
CA LEU C 70 -7.96 -13.20 -14.32
C LEU C 70 -8.45 -12.93 -15.74
N GLY C 71 -7.63 -13.23 -16.74
CA GLY C 71 -8.01 -12.91 -18.10
C GLY C 71 -8.13 -11.42 -18.29
N LEU C 72 -9.33 -10.95 -18.68
CA LEU C 72 -9.56 -9.54 -18.95
C LEU C 72 -10.19 -8.82 -17.77
N ARG C 73 -10.41 -9.50 -16.64
CA ARG C 73 -10.93 -8.84 -15.45
C ARG C 73 -9.85 -7.89 -14.97
N LYS C 74 -10.20 -6.61 -14.82
CA LYS C 74 -9.21 -5.61 -14.43
C LYS C 74 -8.89 -5.55 -12.95
N TYR C 75 -9.01 -6.67 -12.24
CA TYR C 75 -8.83 -6.63 -10.80
C TYR C 75 -7.37 -6.37 -10.42
N LEU C 76 -6.41 -6.90 -11.19
CA LEU C 76 -5.01 -6.68 -10.83
C LEU C 76 -4.54 -5.29 -11.25
N LEU C 77 -5.04 -4.75 -12.36
CA LEU C 77 -4.68 -3.39 -12.74
C LEU C 77 -5.24 -2.38 -11.75
N TRP C 78 -6.42 -2.66 -11.19
CA TRP C 78 -6.94 -1.81 -10.12
C TRP C 78 -5.99 -1.75 -8.94
N ILE C 79 -5.35 -2.88 -8.62
CA ILE C 79 -4.44 -2.92 -7.47
C ILE C 79 -3.19 -2.09 -7.75
N ILE C 80 -2.57 -2.30 -8.90
CA ILE C 80 -1.36 -1.55 -9.23
C ILE C 80 -1.67 -0.06 -9.29
N THR C 81 -2.78 0.30 -9.94
CA THR C 81 -3.18 1.71 -10.00
C THR C 81 -3.36 2.28 -8.60
N GLY C 82 -4.03 1.52 -7.72
CA GLY C 82 -4.26 2.00 -6.37
C GLY C 82 -2.97 2.30 -5.61
N MET C 83 -1.93 1.48 -5.83
CA MET C 83 -0.66 1.73 -5.16
C MET C 83 0.11 2.87 -5.83
N LEU C 84 -0.08 3.07 -7.14
CA LEU C 84 0.69 4.09 -7.85
C LEU C 84 0.25 5.52 -7.50
N VAL C 85 -0.99 5.72 -7.05
CA VAL C 85 -1.38 7.05 -6.59
C VAL C 85 -0.66 7.41 -5.30
N MET C 86 -0.06 6.42 -4.64
CA MET C 86 0.82 6.62 -3.49
C MET C 86 2.27 6.83 -3.92
N PHE C 87 2.50 7.08 -5.22
CA PHE C 87 3.84 7.28 -5.76
C PHE C 87 4.56 8.41 -5.02
N ALA C 88 3.92 9.58 -4.92
CA ALA C 88 4.61 10.73 -4.34
C ALA C 88 4.82 10.56 -2.84
N PRO C 89 3.77 10.39 -2.02
CA PRO C 89 4.02 10.24 -0.56
C PRO C 89 5.03 9.15 -0.25
N PHE C 90 5.06 8.09 -1.06
CA PHE C 90 6.01 7.01 -0.81
C PHE C 90 7.44 7.48 -0.96
N PHE C 91 7.75 8.15 -2.06
CA PHE C 91 9.13 8.55 -2.32
C PHE C 91 9.56 9.67 -1.37
N ILE C 92 8.71 10.68 -1.18
CA ILE C 92 9.12 11.86 -0.44
C ILE C 92 9.16 11.56 1.06
N PHE C 93 8.12 10.92 1.59
CA PHE C 93 7.95 10.78 3.03
C PHE C 93 8.26 9.40 3.58
N ILE C 94 8.51 8.40 2.74
CA ILE C 94 8.79 7.06 3.23
C ILE C 94 10.16 6.60 2.75
N PHE C 95 10.30 6.37 1.45
CA PHE C 95 11.51 5.76 0.91
C PHE C 95 12.74 6.59 1.27
N GLY C 96 12.74 7.86 0.90
CA GLY C 96 13.85 8.75 1.22
C GLY C 96 14.16 8.77 2.70
N PRO C 97 13.20 9.23 3.50
CA PRO C 97 13.43 9.28 4.95
C PRO C 97 13.91 7.96 5.55
N LEU C 98 13.23 6.85 5.24
CA LEU C 98 13.61 5.57 5.82
C LEU C 98 15.03 5.19 5.39
N LEU C 99 15.40 5.51 4.15
CA LEU C 99 16.72 5.14 3.66
C LEU C 99 17.83 5.88 4.39
N GLN C 100 17.57 7.12 4.82
CA GLN C 100 18.58 7.88 5.53
C GLN C 100 18.75 7.38 6.95
N TYR C 101 17.66 6.96 7.60
CA TYR C 101 17.75 6.40 8.94
C TYR C 101 18.47 5.05 8.94
N ASN C 102 17.92 4.08 8.21
CA ASN C 102 18.52 2.76 8.07
C ASN C 102 18.23 2.26 6.66
N ILE C 103 19.28 1.84 5.95
CA ILE C 103 19.13 1.46 4.56
C ILE C 103 18.51 0.07 4.43
N LEU C 104 18.85 -0.85 5.34
CA LEU C 104 18.44 -2.24 5.16
C LEU C 104 16.92 -2.36 5.17
N VAL C 105 16.25 -1.62 6.05
CA VAL C 105 14.80 -1.64 6.09
C VAL C 105 14.20 -0.61 5.12
N GLY C 106 14.93 0.45 4.79
CA GLY C 106 14.51 1.30 3.70
C GLY C 106 14.54 0.61 2.36
N SER C 107 15.46 -0.33 2.18
CA SER C 107 15.54 -1.10 0.94
C SER C 107 14.46 -2.16 0.86
N ILE C 108 14.06 -2.73 2.00
CA ILE C 108 12.98 -3.70 2.01
C ILE C 108 11.66 -3.03 1.66
N VAL C 109 11.39 -1.86 2.27
CA VAL C 109 10.15 -1.15 1.98
C VAL C 109 10.11 -0.73 0.53
N GLY C 110 11.22 -0.22 0.00
CA GLY C 110 11.27 0.15 -1.40
C GLY C 110 11.29 -1.03 -2.33
N GLY C 111 11.94 -2.12 -1.93
CA GLY C 111 11.92 -3.32 -2.74
C GLY C 111 10.52 -3.86 -2.96
N ILE C 112 9.68 -3.81 -1.91
CA ILE C 112 8.33 -4.34 -2.04
C ILE C 112 7.48 -3.44 -2.93
N TYR C 113 7.52 -2.13 -2.69
CA TYR C 113 6.69 -1.22 -3.47
C TYR C 113 7.16 -1.15 -4.92
N LEU C 114 8.47 -1.07 -5.13
CA LEU C 114 8.99 -0.92 -6.48
C LEU C 114 8.93 -2.23 -7.26
N GLY C 115 9.27 -3.35 -6.61
CA GLY C 115 9.15 -4.64 -7.28
C GLY C 115 7.73 -4.98 -7.66
N PHE C 116 6.76 -4.49 -6.89
CA PHE C 116 5.35 -4.77 -7.12
C PHE C 116 4.77 -3.87 -8.21
N CYS C 117 5.06 -2.57 -8.13
CA CYS C 117 4.38 -1.61 -9.00
C CYS C 117 5.02 -1.52 -10.38
N PHE C 118 6.32 -1.82 -10.50
CA PHE C 118 7.04 -1.54 -11.73
C PHE C 118 7.76 -2.77 -12.29
N ASN C 119 8.61 -3.41 -11.47
CA ASN C 119 9.33 -4.58 -11.95
C ASN C 119 8.38 -5.70 -12.34
N ALA C 120 7.30 -5.88 -11.58
CA ALA C 120 6.25 -6.83 -11.92
C ALA C 120 5.03 -6.18 -12.54
N GLY C 121 4.76 -4.91 -12.20
CA GLY C 121 3.56 -4.27 -12.70
C GLY C 121 3.62 -3.92 -14.17
N ALA C 122 4.78 -3.47 -14.64
CA ALA C 122 4.91 -3.10 -16.04
C ALA C 122 4.70 -4.28 -16.98
N PRO C 123 5.36 -5.43 -16.79
CA PRO C 123 5.05 -6.58 -17.66
C PRO C 123 3.60 -7.03 -17.53
N ALA C 124 3.01 -6.92 -16.34
CA ALA C 124 1.62 -7.32 -16.16
C ALA C 124 0.68 -6.36 -16.90
N VAL C 125 0.98 -5.06 -16.87
CA VAL C 125 0.17 -4.11 -17.62
C VAL C 125 0.30 -4.38 -19.11
N GLU C 126 1.54 -4.53 -19.60
CA GLU C 126 1.75 -4.85 -21.01
C GLU C 126 0.98 -6.10 -21.40
N ALA C 127 1.09 -7.16 -20.60
CA ALA C 127 0.41 -8.40 -20.92
C ALA C 127 -1.11 -8.21 -20.94
N PHE C 128 -1.64 -7.40 -20.03
CA PHE C 128 -3.07 -7.17 -20.00
C PHE C 128 -3.53 -6.37 -21.21
N ILE C 129 -2.86 -5.24 -21.49
CA ILE C 129 -3.25 -4.44 -22.63
C ILE C 129 -3.00 -5.19 -23.94
N GLU C 130 -2.11 -6.19 -23.93
CA GLU C 130 -1.95 -7.04 -25.10
C GLU C 130 -3.16 -7.95 -25.27
N LYS C 131 -3.68 -8.50 -24.15
CA LYS C 131 -4.91 -9.27 -24.21
C LYS C 131 -6.06 -8.40 -24.72
N VAL C 132 -6.19 -7.18 -24.17
CA VAL C 132 -7.24 -6.26 -24.63
C VAL C 132 -7.07 -5.95 -26.11
N SER C 133 -5.82 -5.93 -26.60
CA SER C 133 -5.58 -5.59 -27.99
C SER C 133 -6.19 -6.62 -28.94
N ARG C 134 -6.23 -7.89 -28.53
CA ARG C 134 -6.85 -8.91 -29.37
C ARG C 134 -8.36 -8.91 -29.26
N ARG C 135 -8.90 -8.50 -28.11
CA ARG C 135 -10.34 -8.46 -27.93
C ARG C 135 -10.96 -7.30 -28.70
N SER C 136 -10.36 -6.11 -28.59
CA SER C 136 -10.95 -4.90 -29.15
C SER C 136 -10.30 -4.49 -30.48
N ASN C 137 -9.59 -5.41 -31.13
CA ASN C 137 -9.13 -5.23 -32.51
C ASN C 137 -8.29 -3.96 -32.68
N PHE C 138 -7.15 -3.96 -31.99
CA PHE C 138 -6.11 -2.97 -32.21
C PHE C 138 -4.77 -3.63 -31.92
N GLU C 139 -3.75 -3.27 -32.70
CA GLU C 139 -2.45 -3.90 -32.53
C GLU C 139 -1.83 -3.47 -31.21
N PHE C 140 -1.25 -4.44 -30.49
CA PHE C 140 -0.65 -4.14 -29.20
C PHE C 140 0.45 -3.12 -29.33
N GLY C 141 1.23 -3.19 -30.40
CA GLY C 141 2.32 -2.25 -30.59
C GLY C 141 1.85 -0.81 -30.70
N ARG C 142 0.65 -0.60 -31.24
CA ARG C 142 0.17 0.77 -31.44
C ARG C 142 -0.23 1.42 -30.12
N ALA C 143 -0.59 0.63 -29.12
CA ALA C 143 -0.92 1.17 -27.81
C ALA C 143 0.31 1.36 -26.93
N ARG C 144 1.29 0.45 -27.04
CA ARG C 144 2.50 0.56 -26.24
C ARG C 144 3.30 1.80 -26.61
N MET C 145 3.29 2.16 -27.90
CA MET C 145 3.85 3.41 -28.41
C MET C 145 3.58 4.58 -27.47
N PHE C 146 2.36 4.65 -26.93
CA PHE C 146 2.01 5.76 -26.05
C PHE C 146 3.00 5.88 -24.90
N GLY C 147 3.43 4.73 -24.35
CA GLY C 147 4.32 4.76 -23.20
C GLY C 147 5.65 5.41 -23.48
N CYS C 148 6.17 5.25 -24.70
CA CYS C 148 7.43 5.90 -25.07
C CYS C 148 7.32 7.42 -24.91
N VAL C 149 6.21 8.01 -25.38
CA VAL C 149 6.04 9.45 -25.30
C VAL C 149 5.88 9.90 -23.85
N GLY C 150 4.91 9.31 -23.13
CA GLY C 150 4.74 9.64 -21.73
C GLY C 150 6.03 9.49 -20.95
N TRP C 151 6.84 8.47 -21.28
CA TRP C 151 8.14 8.28 -20.65
C TRP C 151 9.08 9.44 -20.98
N ALA C 152 9.13 9.83 -22.26
CA ALA C 152 9.99 10.95 -22.65
C ALA C 152 9.48 12.25 -22.06
N LEU C 153 8.18 12.50 -22.13
CA LEU C 153 7.61 13.70 -21.55
C LEU C 153 8.06 13.88 -20.11
N CYS C 154 8.03 12.79 -19.33
CA CYS C 154 8.46 12.87 -17.94
C CYS C 154 9.96 13.06 -17.83
N ALA C 155 10.73 12.45 -18.74
CA ALA C 155 12.16 12.70 -18.76
C ALA C 155 12.46 14.17 -19.03
N SER C 156 11.61 14.83 -19.82
CA SER C 156 11.78 16.26 -20.07
C SER C 156 11.44 17.07 -18.82
N ILE C 157 10.30 16.77 -18.20
CA ILE C 157 9.90 17.50 -17.00
C ILE C 157 10.92 17.29 -15.88
N VAL C 158 11.59 16.14 -15.86
CA VAL C 158 12.54 15.86 -14.78
C VAL C 158 13.81 16.69 -14.97
N GLY C 159 14.29 16.80 -16.22
CA GLY C 159 15.47 17.61 -16.47
C GLY C 159 15.22 19.09 -16.20
N ILE C 160 14.05 19.59 -16.63
CA ILE C 160 13.77 21.02 -16.50
C ILE C 160 13.73 21.41 -15.04
N MET C 161 13.04 20.62 -14.21
CA MET C 161 12.82 20.97 -12.81
C MET C 161 13.85 20.35 -11.88
N PHE C 162 14.82 19.60 -12.41
CA PHE C 162 15.93 19.16 -11.57
C PHE C 162 16.54 20.35 -10.86
N THR C 163 16.69 21.47 -11.57
CA THR C 163 17.25 22.66 -10.97
C THR C 163 16.32 23.28 -9.93
N ILE C 164 15.01 23.16 -10.13
CA ILE C 164 14.03 23.92 -9.35
C ILE C 164 13.47 23.11 -8.19
N ASN C 165 12.60 22.15 -8.49
CA ASN C 165 11.90 21.37 -7.47
C ASN C 165 12.04 19.90 -7.79
N ASN C 166 12.74 19.16 -6.93
CA ASN C 166 12.98 17.75 -7.20
C ASN C 166 11.73 16.91 -7.01
N GLN C 167 10.86 17.29 -6.06
CA GLN C 167 9.71 16.48 -5.72
C GLN C 167 8.52 16.71 -6.64
N PHE C 168 8.48 17.84 -7.35
CA PHE C 168 7.31 18.17 -8.14
C PHE C 168 6.92 17.03 -9.07
N VAL C 169 7.90 16.43 -9.75
CA VAL C 169 7.62 15.35 -10.70
C VAL C 169 6.90 14.21 -10.00
N PHE C 170 7.30 13.89 -8.77
CA PHE C 170 6.70 12.76 -8.07
C PHE C 170 5.21 12.97 -7.85
N TRP C 171 4.80 14.18 -7.48
CA TRP C 171 3.39 14.45 -7.31
C TRP C 171 2.63 14.29 -8.62
N LEU C 172 3.26 14.67 -9.74
CA LEU C 172 2.65 14.44 -11.04
C LEU C 172 2.42 12.95 -11.27
N GLY C 173 3.38 12.12 -10.85
CA GLY C 173 3.21 10.68 -11.00
C GLY C 173 1.99 10.16 -10.27
N SER C 174 1.74 10.66 -9.06
CA SER C 174 0.53 10.30 -8.35
C SER C 174 -0.70 10.79 -9.11
N GLY C 175 -0.66 12.02 -9.62
CA GLY C 175 -1.77 12.51 -10.44
C GLY C 175 -2.06 11.59 -11.61
N CYS C 176 -1.01 11.19 -12.33
CA CYS C 176 -1.18 10.25 -13.43
C CYS C 176 -1.87 8.97 -12.96
N ALA C 177 -1.61 8.55 -11.73
CA ALA C 177 -2.19 7.32 -11.23
C ALA C 177 -3.72 7.41 -11.15
N LEU C 178 -4.27 8.57 -10.79
CA LEU C 178 -5.73 8.63 -10.83
C LEU C 178 -6.20 8.73 -12.26
N ILE C 179 -5.48 9.46 -13.14
CA ILE C 179 -5.87 9.38 -14.53
C ILE C 179 -6.00 7.91 -14.96
N LEU C 180 -5.06 7.07 -14.53
CA LEU C 180 -5.13 5.65 -14.84
C LEU C 180 -6.42 5.03 -14.30
N ALA C 181 -6.78 5.38 -13.06
CA ALA C 181 -8.03 4.88 -12.50
C ALA C 181 -9.23 5.31 -13.34
N VAL C 182 -9.29 6.59 -13.71
CA VAL C 182 -10.39 7.07 -14.55
C VAL C 182 -10.40 6.30 -15.87
N LEU C 183 -9.23 6.12 -16.48
CA LEU C 183 -9.17 5.35 -17.72
C LEU C 183 -9.64 3.92 -17.50
N LEU C 184 -9.18 3.30 -16.41
CA LEU C 184 -9.60 1.93 -16.11
C LEU C 184 -11.09 1.84 -15.84
N PHE C 185 -11.68 2.87 -15.22
CA PHE C 185 -13.08 2.80 -14.84
C PHE C 185 -14.00 2.64 -16.04
N PHE C 186 -13.76 3.42 -17.10
CA PHE C 186 -14.66 3.43 -18.25
C PHE C 186 -14.19 2.53 -19.38
N ALA C 187 -13.00 1.95 -19.29
CA ALA C 187 -12.59 0.93 -20.24
C ALA C 187 -13.51 -0.28 -20.11
N LYS C 188 -13.88 -0.86 -21.25
CA LYS C 188 -14.82 -1.97 -21.30
C LYS C 188 -14.09 -3.28 -21.60
N THR C 189 -14.42 -4.32 -20.85
CA THR C 189 -13.76 -5.62 -20.96
C THR C 189 -14.79 -6.70 -20.67
N ASP C 190 -14.37 -7.77 -20.00
CA ASP C 190 -15.29 -8.86 -19.66
C ASP C 190 -15.90 -9.48 -20.91
N ALA C 203 -16.15 -25.14 -16.63
CA ALA C 203 -17.02 -25.51 -17.75
C ALA C 203 -16.35 -25.19 -19.09
N ASN C 204 -15.31 -24.36 -19.06
CA ASN C 204 -14.57 -23.96 -20.24
C ASN C 204 -13.15 -24.51 -20.12
N HIS C 205 -12.80 -25.44 -21.00
CA HIS C 205 -11.50 -26.11 -20.94
C HIS C 205 -10.43 -25.40 -21.76
N SER C 206 -10.73 -24.25 -22.35
CA SER C 206 -9.70 -23.36 -22.87
C SER C 206 -9.29 -22.31 -21.85
N ALA C 207 -9.93 -22.29 -20.69
CA ALA C 207 -9.62 -21.32 -19.65
C ALA C 207 -8.35 -21.74 -18.90
N PHE C 208 -7.81 -20.80 -18.14
CA PHE C 208 -6.57 -21.04 -17.39
C PHE C 208 -6.79 -22.07 -16.30
N SER C 209 -5.88 -23.03 -16.21
CA SER C 209 -5.83 -23.98 -15.10
C SER C 209 -4.37 -24.11 -14.65
N LEU C 210 -4.14 -24.01 -13.34
CA LEU C 210 -2.78 -23.92 -12.82
C LEU C 210 -1.97 -25.17 -13.12
N LYS C 211 -2.59 -26.35 -13.03
CA LYS C 211 -1.86 -27.58 -13.30
C LYS C 211 -1.19 -27.51 -14.68
N LEU C 212 -1.93 -27.07 -15.69
CA LEU C 212 -1.35 -26.98 -17.02
C LEU C 212 -0.33 -25.87 -17.14
N ALA C 213 -0.35 -24.89 -16.23
CA ALA C 213 0.64 -23.82 -16.27
C ALA C 213 2.03 -24.33 -15.90
N LEU C 214 2.13 -25.17 -14.88
CA LEU C 214 3.44 -25.61 -14.40
C LEU C 214 4.07 -26.67 -15.27
N GLU C 215 3.28 -27.37 -16.09
CA GLU C 215 3.82 -28.27 -17.09
C GLU C 215 4.38 -27.53 -18.29
N LEU C 216 4.24 -26.19 -18.34
CA LEU C 216 4.95 -25.42 -19.36
C LEU C 216 6.46 -25.56 -19.20
N PHE C 217 6.93 -25.65 -17.94
CA PHE C 217 8.35 -25.86 -17.70
C PHE C 217 8.82 -27.16 -18.31
N ARG C 218 7.96 -28.18 -18.34
CA ARG C 218 8.34 -29.46 -18.91
C ARG C 218 8.52 -29.36 -20.42
N GLN C 219 7.86 -28.43 -21.05
CA GLN C 219 7.99 -28.32 -22.50
C GLN C 219 9.27 -27.57 -22.88
N PRO C 220 9.86 -27.90 -24.02
CA PRO C 220 11.21 -27.42 -24.33
C PRO C 220 11.28 -26.04 -24.95
N LYS C 221 10.20 -25.56 -25.55
CA LYS C 221 10.24 -24.22 -26.15
C LYS C 221 10.25 -23.12 -25.10
N LEU C 222 9.80 -23.40 -23.88
CA LEU C 222 9.95 -22.44 -22.79
C LEU C 222 11.41 -22.29 -22.39
N TRP C 223 12.15 -23.41 -22.39
CA TRP C 223 13.56 -23.37 -22.00
C TRP C 223 14.40 -22.63 -23.02
N PHE C 224 14.15 -22.84 -24.31
CA PHE C 224 14.97 -22.18 -25.32
C PHE C 224 14.72 -20.68 -25.36
N LEU C 225 13.49 -20.25 -25.08
CA LEU C 225 13.20 -18.82 -24.96
C LEU C 225 13.90 -18.22 -23.75
N SER C 226 13.82 -18.91 -22.60
CA SER C 226 14.52 -18.43 -21.42
C SER C 226 16.01 -18.30 -21.68
N LEU C 227 16.57 -19.23 -22.47
CA LEU C 227 17.98 -19.12 -22.85
C LEU C 227 18.23 -17.84 -23.66
N TYR C 228 17.32 -17.53 -24.60
CA TYR C 228 17.44 -16.28 -25.33
C TYR C 228 17.35 -15.09 -24.39
N VAL C 229 16.36 -15.10 -23.50
CA VAL C 229 16.20 -14.01 -22.54
C VAL C 229 17.46 -13.87 -21.69
N ILE C 230 17.89 -14.97 -21.08
CA ILE C 230 19.05 -14.95 -20.20
C ILE C 230 20.30 -14.58 -20.99
N GLY C 231 20.49 -15.20 -22.16
CA GLY C 231 21.72 -15.01 -22.90
C GLY C 231 21.81 -13.69 -23.63
N VAL C 232 20.68 -13.11 -24.01
CA VAL C 232 20.68 -11.93 -24.86
C VAL C 232 20.04 -10.75 -24.15
N SER C 233 18.75 -10.87 -23.83
CA SER C 233 18.02 -9.72 -23.29
C SER C 233 18.61 -9.27 -21.96
N CYS C 234 18.94 -10.22 -21.08
CA CYS C 234 19.49 -9.84 -19.79
C CYS C 234 20.91 -9.29 -19.96
N THR C 235 21.71 -9.91 -20.82
CA THR C 235 23.02 -9.35 -21.13
C THR C 235 22.91 -7.92 -21.62
N TYR C 236 21.89 -7.63 -22.43
CA TYR C 236 21.72 -6.28 -22.96
C TYR C 236 21.26 -5.31 -21.88
N ASP C 237 20.40 -5.78 -20.97
CA ASP C 237 19.86 -4.88 -19.95
C ASP C 237 20.89 -4.55 -18.88
N VAL C 238 21.80 -5.48 -18.57
CA VAL C 238 22.85 -5.13 -17.60
C VAL C 238 23.88 -4.24 -18.26
N PHE C 239 24.04 -4.34 -19.58
CA PHE C 239 24.94 -3.44 -20.30
C PHE C 239 24.47 -1.99 -20.16
N ASP C 240 23.15 -1.78 -20.19
CA ASP C 240 22.56 -0.46 -20.09
C ASP C 240 22.57 0.10 -18.67
N GLN C 241 22.89 -0.72 -17.66
CA GLN C 241 22.74 -0.27 -16.28
C GLN C 241 23.82 0.73 -15.89
N GLN C 242 25.04 0.53 -16.37
CA GLN C 242 26.13 1.48 -16.15
C GLN C 242 26.43 2.27 -17.42
N PHE C 243 25.55 2.20 -18.42
CA PHE C 243 25.82 2.86 -19.69
C PHE C 243 25.73 4.38 -19.60
N ALA C 244 24.96 4.91 -18.65
CA ALA C 244 24.80 6.36 -18.55
C ALA C 244 26.15 7.03 -18.28
N ASN C 245 26.88 6.53 -17.27
CA ASN C 245 28.19 7.09 -16.97
C ASN C 245 29.16 6.87 -18.13
N PHE C 246 29.11 5.69 -18.74
CA PHE C 246 29.97 5.43 -19.90
C PHE C 246 29.65 6.38 -21.04
N PHE C 247 28.38 6.73 -21.22
CA PHE C 247 28.00 7.69 -22.25
C PHE C 247 28.64 9.05 -21.98
N THR C 248 28.54 9.53 -20.74
CA THR C 248 29.03 10.87 -20.41
C THR C 248 30.55 10.96 -20.41
N SER C 249 31.27 9.85 -20.28
CA SER C 249 32.72 9.89 -20.28
C SER C 249 33.28 10.32 -21.64
N PHE C 250 32.48 10.25 -22.70
CA PHE C 250 32.93 10.69 -24.01
C PHE C 250 32.99 12.21 -24.14
N PHE C 251 32.46 12.94 -23.17
CA PHE C 251 32.37 14.40 -23.23
C PHE C 251 33.35 15.00 -22.23
N ALA C 252 34.15 15.97 -22.70
CA ALA C 252 35.06 16.65 -21.77
C ALA C 252 34.26 17.47 -20.76
N THR C 253 33.16 18.07 -21.20
CA THR C 253 32.30 18.85 -20.32
C THR C 253 31.20 17.94 -19.77
N GLY C 254 31.14 17.81 -18.45
CA GLY C 254 30.09 17.01 -17.84
C GLY C 254 28.71 17.59 -18.06
N GLU C 255 28.61 18.92 -18.16
CA GLU C 255 27.32 19.55 -18.39
C GLU C 255 26.81 19.31 -19.81
N GLN C 256 27.71 19.34 -20.79
CA GLN C 256 27.30 18.99 -22.15
C GLN C 256 27.10 17.49 -22.33
N GLY C 257 27.75 16.67 -21.50
CA GLY C 257 27.49 15.24 -21.55
C GLY C 257 26.07 14.88 -21.19
N THR C 258 25.56 15.47 -20.10
CA THR C 258 24.19 15.19 -19.70
C THR C 258 23.18 15.77 -20.69
N ARG C 259 23.39 17.02 -21.11
CA ARG C 259 22.39 17.68 -21.94
C ARG C 259 22.27 17.01 -23.30
N VAL C 260 23.38 16.51 -23.85
CA VAL C 260 23.29 15.71 -25.06
C VAL C 260 22.61 14.37 -24.75
N PHE C 261 23.02 13.73 -23.66
CA PHE C 261 22.33 12.52 -23.21
C PHE C 261 20.83 12.78 -23.06
N TRP C 262 20.48 13.84 -22.32
CA TRP C 262 19.10 14.22 -22.12
C TRP C 262 18.37 14.36 -23.45
N TYR C 263 18.99 15.04 -24.42
CA TYR C 263 18.32 15.25 -25.70
C TYR C 263 18.02 13.92 -26.39
N VAL C 264 18.97 12.99 -26.36
CA VAL C 264 18.76 11.72 -27.05
C VAL C 264 17.67 10.91 -26.36
N THR C 265 17.55 11.04 -25.04
CA THR C 265 16.51 10.31 -24.33
C THR C 265 15.13 10.83 -24.67
N THR C 266 14.94 12.15 -24.63
CA THR C 266 13.62 12.73 -24.89
C THR C 266 13.20 12.49 -26.33
N MET C 267 14.02 12.94 -27.28
CA MET C 267 13.67 12.83 -28.69
C MET C 267 13.92 11.44 -29.25
N GLY C 268 14.82 10.67 -28.64
CA GLY C 268 15.00 9.30 -29.07
C GLY C 268 13.77 8.45 -28.82
N GLU C 269 13.10 8.68 -27.69
CA GLU C 269 11.87 7.94 -27.39
C GLU C 269 10.79 8.25 -28.42
N LEU C 270 10.76 9.46 -28.96
CA LEU C 270 9.82 9.77 -30.03
C LEU C 270 10.12 8.93 -31.27
N LEU C 271 11.40 8.78 -31.61
CA LEU C 271 11.77 7.85 -32.68
C LEU C 271 11.39 6.42 -32.30
N ASN C 272 11.59 6.05 -31.04
CA ASN C 272 11.17 4.73 -30.57
C ASN C 272 9.68 4.51 -30.84
N ALA C 273 8.86 5.51 -30.53
CA ALA C 273 7.43 5.40 -30.79
C ALA C 273 7.15 5.23 -32.27
N SER C 274 7.87 5.97 -33.12
CA SER C 274 7.60 5.94 -34.55
C SER C 274 7.93 4.58 -35.15
N ILE C 275 9.10 4.03 -34.81
CA ILE C 275 9.45 2.70 -35.31
C ILE C 275 8.47 1.66 -34.79
N MET C 276 7.97 1.83 -33.57
CA MET C 276 7.02 0.87 -33.02
C MET C 276 5.64 1.01 -33.66
N PHE C 277 5.36 2.15 -34.29
CA PHE C 277 4.10 2.29 -35.04
C PHE C 277 4.04 1.28 -36.18
N PHE C 278 5.16 1.12 -36.90
CA PHE C 278 5.20 0.21 -38.05
C PHE C 278 5.71 -1.18 -37.69
N ALA C 279 6.32 -1.34 -36.52
CA ALA C 279 6.86 -2.65 -36.15
C ALA C 279 5.82 -3.76 -36.21
N PRO C 280 4.56 -3.55 -35.83
CA PRO C 280 3.57 -4.63 -35.98
C PRO C 280 3.40 -5.09 -37.42
N LEU C 281 3.30 -4.17 -38.37
CA LEU C 281 3.18 -4.58 -39.77
C LEU C 281 4.43 -5.32 -40.23
N ILE C 282 5.61 -4.80 -39.89
CA ILE C 282 6.85 -5.49 -40.21
C ILE C 282 6.85 -6.88 -39.60
N ILE C 283 6.56 -6.97 -38.29
CA ILE C 283 6.68 -8.25 -37.60
C ILE C 283 5.62 -9.24 -38.04
N ASN C 284 4.50 -8.75 -38.56
CA ASN C 284 3.48 -9.66 -39.09
C ASN C 284 3.90 -10.23 -40.45
N ARG C 285 4.62 -9.44 -41.26
CA ARG C 285 5.10 -9.95 -42.54
C ARG C 285 6.25 -10.92 -42.33
N ILE C 286 7.23 -10.55 -41.50
CA ILE C 286 8.31 -11.44 -41.11
C ILE C 286 7.80 -12.29 -39.95
N GLY C 287 8.64 -13.20 -39.47
CA GLY C 287 8.24 -14.02 -38.34
C GLY C 287 8.15 -13.22 -37.05
N GLY C 288 7.49 -13.80 -36.06
CA GLY C 288 7.62 -13.29 -34.71
C GLY C 288 8.96 -13.63 -34.10
N LYS C 289 9.55 -14.75 -34.51
CA LYS C 289 10.89 -15.12 -34.05
C LYS C 289 11.95 -14.20 -34.66
N ASN C 290 11.90 -13.99 -35.98
CA ASN C 290 12.89 -13.14 -36.61
C ASN C 290 12.81 -11.71 -36.10
N ALA C 291 11.66 -11.29 -35.57
CA ALA C 291 11.61 -10.03 -34.84
C ALA C 291 12.56 -10.06 -33.65
N LEU C 292 12.55 -11.17 -32.90
CA LEU C 292 13.46 -11.30 -31.76
C LEU C 292 14.91 -11.39 -32.22
N LEU C 293 15.16 -12.08 -33.33
CA LEU C 293 16.53 -12.24 -33.80
C LEU C 293 17.10 -10.92 -34.33
N LEU C 294 16.27 -10.12 -35.00
CA LEU C 294 16.72 -8.77 -35.39
C LEU C 294 17.01 -7.92 -34.16
N ALA C 295 16.13 -7.95 -33.16
CA ALA C 295 16.36 -7.17 -31.95
C ALA C 295 17.65 -7.59 -31.28
N GLY C 296 17.88 -8.90 -31.16
CA GLY C 296 19.15 -9.37 -30.62
C GLY C 296 20.33 -8.93 -31.45
N THR C 297 20.16 -8.85 -32.78
CA THR C 297 21.22 -8.35 -33.63
C THR C 297 21.48 -6.87 -33.35
N ILE C 298 20.42 -6.07 -33.23
CA ILE C 298 20.60 -4.66 -32.89
C ILE C 298 21.18 -4.54 -31.49
N MET C 299 20.72 -5.37 -30.56
CA MET C 299 21.31 -5.42 -29.22
C MET C 299 22.81 -5.68 -29.30
N SER C 300 23.18 -6.79 -29.97
CA SER C 300 24.59 -7.17 -30.02
C SER C 300 25.42 -6.10 -30.71
N VAL C 301 24.90 -5.51 -31.79
CA VAL C 301 25.66 -4.49 -32.52
C VAL C 301 25.89 -3.27 -31.62
N ARG C 302 24.88 -2.87 -30.86
CA ARG C 302 25.05 -1.72 -29.97
C ARG C 302 26.11 -1.98 -28.92
N ILE C 303 26.10 -3.18 -28.32
CA ILE C 303 27.09 -3.49 -27.29
C ILE C 303 28.48 -3.54 -27.89
N ILE C 304 28.68 -4.40 -28.90
CA ILE C 304 30.00 -4.57 -29.50
C ILE C 304 30.50 -3.24 -30.06
N GLY C 305 29.62 -2.49 -30.71
CA GLY C 305 30.00 -1.19 -31.23
C GLY C 305 30.51 -0.26 -30.15
N SER C 306 30.07 -0.45 -28.90
CA SER C 306 30.45 0.44 -27.83
C SER C 306 31.86 0.19 -27.32
N SER C 307 32.37 -1.04 -27.48
CA SER C 307 33.74 -1.32 -27.03
C SER C 307 34.77 -0.68 -27.95
N PHE C 308 34.49 -0.62 -29.25
CA PHE C 308 35.39 0.00 -30.21
C PHE C 308 35.16 1.50 -30.38
N ALA C 309 34.05 2.03 -29.85
CA ALA C 309 33.74 3.44 -30.01
C ALA C 309 34.83 4.30 -29.38
N THR C 310 35.06 5.46 -30.00
CA THR C 310 36.04 6.43 -29.55
C THR C 310 35.51 7.86 -29.49
N SER C 311 34.38 8.14 -30.12
CA SER C 311 33.92 9.50 -30.35
C SER C 311 32.59 9.75 -29.65
N ALA C 312 32.34 11.03 -29.33
CA ALA C 312 31.05 11.40 -28.77
C ALA C 312 29.91 11.11 -29.75
N LEU C 313 30.15 11.36 -31.03
CA LEU C 313 29.12 11.05 -32.03
C LEU C 313 28.84 9.56 -32.08
N GLU C 314 29.89 8.74 -32.05
CA GLU C 314 29.71 7.29 -32.18
C GLU C 314 28.80 6.75 -31.07
N VAL C 315 28.82 7.35 -29.89
CA VAL C 315 27.99 6.85 -28.79
C VAL C 315 26.60 7.49 -28.80
N VAL C 316 26.46 8.69 -29.36
CA VAL C 316 25.13 9.23 -29.60
C VAL C 316 24.34 8.33 -30.54
N ILE C 317 25.02 7.79 -31.55
CA ILE C 317 24.39 6.83 -32.44
C ILE C 317 24.02 5.55 -31.69
N LEU C 318 24.95 5.03 -30.90
CA LEU C 318 24.73 3.74 -30.26
C LEU C 318 23.63 3.78 -29.20
N LYS C 319 23.35 4.94 -28.60
CA LYS C 319 22.18 5.00 -27.73
C LYS C 319 20.90 5.23 -28.52
N THR C 320 20.99 5.79 -29.73
CA THR C 320 19.81 5.85 -30.58
C THR C 320 19.46 4.46 -31.08
N LEU C 321 20.43 3.53 -31.10
CA LEU C 321 20.14 2.16 -31.48
C LEU C 321 19.16 1.50 -30.52
N HIS C 322 19.23 1.87 -29.23
CA HIS C 322 18.26 1.36 -28.27
C HIS C 322 16.84 1.58 -28.79
N MET C 323 16.59 2.75 -29.37
CA MET C 323 15.26 3.08 -29.88
C MET C 323 14.89 2.23 -31.10
N PHE C 324 15.88 1.71 -31.82
CA PHE C 324 15.61 0.80 -32.94
C PHE C 324 15.34 -0.61 -32.47
N GLU C 325 16.00 -1.04 -31.39
CA GLU C 325 15.86 -2.40 -30.91
C GLU C 325 14.54 -2.58 -30.15
N VAL C 326 14.21 -1.63 -29.28
CA VAL C 326 13.06 -1.80 -28.39
C VAL C 326 11.80 -2.19 -29.15
N PRO C 327 11.43 -1.52 -30.24
CA PRO C 327 10.15 -1.86 -30.89
C PRO C 327 10.06 -3.30 -31.35
N PHE C 328 11.16 -3.87 -31.85
CA PHE C 328 11.11 -5.23 -32.37
C PHE C 328 11.19 -6.30 -31.29
N LEU C 329 11.78 -6.00 -30.13
CA LEU C 329 11.80 -6.99 -29.07
C LEU C 329 10.48 -7.02 -28.31
N LEU C 330 9.87 -5.86 -28.06
CA LEU C 330 8.64 -5.84 -27.28
C LEU C 330 7.43 -6.29 -28.09
N VAL C 331 7.29 -5.76 -29.32
CA VAL C 331 6.20 -6.23 -30.17
C VAL C 331 6.48 -7.65 -30.64
N GLY C 332 7.74 -7.98 -30.89
CA GLY C 332 8.07 -9.30 -31.39
C GLY C 332 7.86 -10.40 -30.36
N CYS C 333 8.23 -10.14 -29.11
CA CYS C 333 8.11 -11.17 -28.08
C CYS C 333 6.66 -11.55 -27.85
N PHE C 334 5.75 -10.57 -27.91
CA PHE C 334 4.34 -10.87 -27.74
C PHE C 334 3.78 -11.57 -28.98
N LYS C 335 4.22 -11.15 -30.16
CA LYS C 335 3.86 -11.88 -31.38
C LYS C 335 4.41 -13.30 -31.34
N TYR C 336 5.62 -13.47 -30.80
CA TYR C 336 6.24 -14.79 -30.75
C TYR C 336 5.58 -15.67 -29.70
N ILE C 337 5.24 -15.10 -28.54
CA ILE C 337 4.68 -15.90 -27.47
C ILE C 337 3.30 -16.42 -27.86
N THR C 338 2.46 -15.56 -28.45
CA THR C 338 1.12 -15.97 -28.84
C THR C 338 1.14 -16.92 -30.05
N SER C 339 2.22 -16.90 -30.84
CA SER C 339 2.28 -17.76 -32.01
C SER C 339 2.62 -19.20 -31.63
N GLN C 340 3.52 -19.39 -30.67
CA GLN C 340 4.09 -20.70 -30.36
C GLN C 340 3.69 -21.20 -28.98
N PHE C 341 2.73 -20.54 -28.32
CA PHE C 341 2.22 -21.02 -27.05
C PHE C 341 0.72 -20.82 -26.98
N GLU C 342 0.08 -21.58 -26.09
CA GLU C 342 -1.35 -21.41 -25.85
C GLU C 342 -1.61 -20.02 -25.28
N VAL C 343 -2.50 -19.27 -25.92
CA VAL C 343 -2.69 -17.87 -25.55
C VAL C 343 -3.42 -17.72 -24.22
N ARG C 344 -3.90 -18.81 -23.62
CA ARG C 344 -4.37 -18.76 -22.25
C ARG C 344 -3.22 -18.57 -21.27
N PHE C 345 -1.98 -18.75 -21.71
CA PHE C 345 -0.80 -18.59 -20.88
C PHE C 345 0.05 -17.39 -21.32
N SER C 346 -0.57 -16.38 -21.93
CA SER C 346 0.20 -15.25 -22.47
C SER C 346 1.07 -14.61 -21.41
N ALA C 347 0.45 -14.17 -20.30
CA ALA C 347 1.21 -13.48 -19.27
C ALA C 347 2.15 -14.41 -18.53
N THR C 348 1.72 -15.65 -18.27
CA THR C 348 2.57 -16.62 -17.62
C THR C 348 3.89 -16.78 -18.36
N ILE C 349 3.82 -16.92 -19.69
CA ILE C 349 5.02 -17.07 -20.49
C ILE C 349 5.88 -15.82 -20.42
N TYR C 350 5.24 -14.65 -20.51
CA TYR C 350 5.96 -13.38 -20.50
C TYR C 350 6.57 -13.11 -19.13
N LEU C 351 5.83 -13.34 -18.06
CA LEU C 351 6.28 -12.98 -16.73
C LEU C 351 7.27 -13.98 -16.13
N VAL C 352 7.35 -15.19 -16.67
CA VAL C 352 8.34 -16.16 -16.20
C VAL C 352 9.61 -16.11 -17.05
N CYS C 353 9.46 -16.17 -18.37
CA CYS C 353 10.62 -16.24 -19.26
C CYS C 353 11.31 -14.88 -19.37
N PHE C 354 10.55 -13.84 -19.72
CA PHE C 354 11.16 -12.54 -19.97
C PHE C 354 11.42 -11.74 -18.71
N CYS C 355 10.74 -12.06 -17.60
CA CYS C 355 10.88 -11.31 -16.35
C CYS C 355 11.60 -12.14 -15.29
N PHE C 356 10.99 -13.21 -14.78
CA PHE C 356 11.60 -13.95 -13.70
C PHE C 356 13.01 -14.41 -14.06
N PHE C 357 13.15 -15.06 -15.21
CA PHE C 357 14.45 -15.61 -15.59
C PHE C 357 15.43 -14.51 -15.94
N LYS C 358 14.96 -13.45 -16.58
CA LYS C 358 15.83 -12.31 -16.85
C LYS C 358 16.40 -11.73 -15.56
N GLN C 359 15.52 -11.44 -14.59
CA GLN C 359 15.99 -10.80 -13.36
C GLN C 359 16.88 -11.71 -12.54
N LEU C 360 16.65 -13.03 -12.59
CA LEU C 360 17.50 -13.95 -11.86
C LEU C 360 18.90 -13.97 -12.45
N ALA C 361 18.99 -14.12 -13.77
CA ALA C 361 20.29 -14.01 -14.43
C ALA C 361 20.89 -12.63 -14.19
N MET C 362 20.03 -11.60 -14.17
CA MET C 362 20.52 -10.24 -13.98
C MET C 362 21.24 -10.08 -12.65
N ILE C 363 20.80 -10.80 -11.62
CA ILE C 363 21.44 -10.69 -10.32
C ILE C 363 22.91 -11.10 -10.41
N PHE C 364 23.18 -12.20 -11.13
CA PHE C 364 24.53 -12.73 -11.14
C PHE C 364 25.43 -12.03 -12.16
N MET C 365 24.88 -11.61 -13.30
CA MET C 365 25.74 -11.08 -14.35
C MET C 365 25.92 -9.57 -14.29
N SER C 366 25.16 -8.85 -13.46
CA SER C 366 25.53 -7.46 -13.21
C SER C 366 26.58 -7.36 -12.11
N VAL C 367 26.80 -8.44 -11.35
CA VAL C 367 27.95 -8.51 -10.46
C VAL C 367 29.21 -8.86 -11.23
N LEU C 368 29.10 -9.75 -12.21
CA LEU C 368 30.24 -10.09 -13.05
C LEU C 368 30.56 -8.97 -14.04
N ALA C 369 29.54 -8.25 -14.49
CA ALA C 369 29.78 -7.08 -15.33
C ALA C 369 30.50 -5.99 -14.55
N GLY C 370 30.03 -5.70 -13.33
CA GLY C 370 30.59 -4.60 -12.56
C GLY C 370 32.07 -4.78 -12.24
N ASN C 371 32.48 -6.02 -11.93
CA ASN C 371 33.88 -6.24 -11.59
C ASN C 371 34.76 -6.32 -12.84
N MET C 372 34.17 -6.51 -14.02
CA MET C 372 34.97 -6.36 -15.23
C MET C 372 35.26 -4.89 -15.51
N TYR C 373 34.30 -4.01 -15.18
CA TYR C 373 34.52 -2.59 -15.33
C TYR C 373 35.75 -2.15 -14.53
N GLU C 374 35.96 -2.75 -13.35
CA GLU C 374 37.11 -2.44 -12.52
C GLU C 374 38.35 -3.25 -12.88
N SER C 375 38.16 -4.50 -13.30
CA SER C 375 39.29 -5.32 -13.69
C SER C 375 39.86 -4.85 -15.03
N ILE C 376 39.07 -4.96 -16.08
CA ILE C 376 39.42 -4.44 -17.40
C ILE C 376 38.62 -3.16 -17.61
N GLY C 377 38.86 -2.48 -18.72
CA GLY C 377 38.15 -1.26 -19.00
C GLY C 377 36.66 -1.49 -19.23
N PHE C 378 35.94 -0.39 -19.44
CA PHE C 378 34.63 -0.50 -20.05
C PHE C 378 34.72 -1.24 -21.38
N GLN C 379 35.75 -0.92 -22.16
CA GLN C 379 35.88 -1.47 -23.50
C GLN C 379 36.05 -2.99 -23.47
N GLY C 380 36.95 -3.48 -22.62
CA GLY C 380 37.13 -4.92 -22.52
C GLY C 380 35.90 -5.61 -21.98
N ALA C 381 35.21 -4.97 -21.03
CA ALA C 381 34.01 -5.56 -20.46
C ALA C 381 32.90 -5.66 -21.50
N TYR C 382 32.68 -4.58 -22.26
CA TYR C 382 31.61 -4.56 -23.24
C TYR C 382 31.86 -5.51 -24.42
N LEU C 383 33.13 -5.84 -24.70
CA LEU C 383 33.39 -6.83 -25.75
C LEU C 383 32.92 -8.22 -25.30
N VAL C 384 33.17 -8.57 -24.04
CA VAL C 384 32.74 -9.88 -23.53
C VAL C 384 31.22 -10.00 -23.62
N LEU C 385 30.51 -9.03 -23.05
CA LEU C 385 29.05 -9.09 -23.07
C LEU C 385 28.51 -9.06 -24.50
N GLY C 386 29.15 -8.30 -25.38
CA GLY C 386 28.65 -8.16 -26.74
C GLY C 386 28.62 -9.47 -27.51
N LEU C 387 29.61 -10.33 -27.29
CA LEU C 387 29.69 -11.60 -27.99
C LEU C 387 28.94 -12.70 -27.27
N VAL C 388 28.83 -12.62 -25.93
CA VAL C 388 27.90 -13.50 -25.23
C VAL C 388 26.49 -13.28 -25.77
N ALA C 389 26.12 -12.03 -26.02
CA ALA C 389 24.80 -11.74 -26.56
C ALA C 389 24.68 -12.18 -28.01
N LEU C 390 25.71 -11.90 -28.83
CA LEU C 390 25.67 -12.33 -30.21
C LEU C 390 25.74 -13.86 -30.32
N GLY C 391 26.49 -14.51 -29.44
CA GLY C 391 26.55 -15.96 -29.46
C GLY C 391 25.20 -16.58 -29.18
N PHE C 392 24.55 -16.14 -28.11
CA PHE C 392 23.23 -16.66 -27.78
C PHE C 392 22.16 -16.17 -28.76
N THR C 393 22.42 -15.08 -29.49
CA THR C 393 21.47 -14.65 -30.51
C THR C 393 21.49 -15.61 -31.69
N LEU C 394 22.68 -16.02 -32.13
CA LEU C 394 22.79 -16.94 -33.26
C LEU C 394 22.55 -18.39 -32.83
N ILE C 395 22.82 -18.74 -31.57
CA ILE C 395 22.30 -20.00 -31.04
C ILE C 395 20.78 -20.03 -31.24
N SER C 396 20.14 -18.88 -31.07
CA SER C 396 18.69 -18.76 -31.21
C SER C 396 18.25 -18.64 -32.66
N VAL C 397 19.18 -18.54 -33.61
CA VAL C 397 18.82 -18.71 -35.01
C VAL C 397 18.29 -20.12 -35.25
N PHE C 398 18.79 -21.09 -34.48
CA PHE C 398 18.39 -22.49 -34.63
C PHE C 398 17.51 -23.02 -33.52
N THR C 399 17.55 -22.45 -32.32
CA THR C 399 16.81 -23.02 -31.20
C THR C 399 15.37 -22.50 -31.15
N LEU C 400 15.14 -21.23 -31.43
CA LEU C 400 13.77 -20.72 -31.47
C LEU C 400 12.98 -21.50 -32.52
N SER C 401 11.65 -21.38 -32.45
CA SER C 401 10.78 -22.33 -33.14
C SER C 401 10.17 -21.82 -34.44
N GLY C 402 9.76 -20.56 -34.51
CA GLY C 402 9.11 -20.05 -35.69
C GLY C 402 9.98 -20.11 -36.93
N PRO C 403 9.50 -19.56 -38.04
CA PRO C 403 10.29 -19.54 -39.28
C PRO C 403 11.60 -18.80 -39.09
N GLY C 404 12.62 -19.24 -39.84
CA GLY C 404 13.96 -18.71 -39.72
C GLY C 404 14.25 -17.55 -40.64
N PRO C 405 15.43 -16.95 -40.50
CA PRO C 405 15.75 -15.77 -41.33
C PRO C 405 15.88 -16.10 -42.80
N LEU C 406 16.46 -17.27 -43.13
CA LEU C 406 16.67 -17.63 -44.52
C LEU C 406 15.36 -17.94 -45.23
N SER C 407 14.28 -18.15 -44.48
CA SER C 407 12.96 -18.33 -45.08
C SER C 407 12.54 -17.11 -45.89
N LEU C 408 13.14 -15.95 -45.65
CA LEU C 408 12.77 -14.73 -46.36
C LEU C 408 13.55 -14.54 -47.65
N LEU C 409 14.54 -15.39 -47.92
CA LEU C 409 15.24 -15.38 -49.19
C LEU C 409 14.57 -16.36 -50.15
N GLN D 1 39.82 3.35 -4.65
CA GLN D 1 39.24 3.06 -5.99
C GLN D 1 40.14 3.62 -7.10
N VAL D 2 40.29 4.94 -7.10
CA VAL D 2 41.12 5.66 -8.05
C VAL D 2 42.05 6.56 -7.27
N GLN D 3 43.33 6.54 -7.61
CA GLN D 3 44.33 7.39 -6.99
C GLN D 3 44.96 8.26 -8.07
N LEU D 4 45.09 9.56 -7.78
CA LEU D 4 45.66 10.53 -8.70
C LEU D 4 46.82 11.23 -8.00
N VAL D 5 48.00 11.15 -8.59
CA VAL D 5 49.22 11.70 -8.00
C VAL D 5 49.81 12.71 -8.97
N GLU D 6 49.75 13.99 -8.62
CA GLU D 6 50.26 15.03 -9.48
C GLU D 6 51.77 15.15 -9.33
N SER D 7 52.44 15.46 -10.45
CA SER D 7 53.87 15.62 -10.48
C SER D 7 54.23 16.65 -11.55
N GLY D 8 55.41 17.25 -11.40
CA GLY D 8 55.95 18.11 -12.43
C GLY D 8 55.86 19.60 -12.15
N GLY D 9 55.20 20.00 -11.07
CA GLY D 9 55.11 21.41 -10.74
C GLY D 9 56.47 21.98 -10.41
N GLY D 10 56.46 23.25 -9.98
CA GLY D 10 57.69 23.90 -9.56
C GLY D 10 57.56 25.40 -9.61
N LEU D 11 58.71 26.06 -9.73
CA LEU D 11 58.81 27.50 -9.84
C LEU D 11 59.56 27.85 -11.12
N VAL D 12 58.99 28.74 -11.93
CA VAL D 12 59.53 29.12 -13.22
C VAL D 12 59.29 30.62 -13.43
N GLN D 13 59.95 31.17 -14.45
CA GLN D 13 59.84 32.58 -14.75
C GLN D 13 58.68 32.83 -15.72
N ALA D 14 58.18 34.07 -15.70
CA ALA D 14 56.96 34.45 -16.38
C ALA D 14 56.93 34.35 -17.90
N GLY D 15 57.76 33.50 -18.48
CA GLY D 15 57.73 33.34 -19.92
C GLY D 15 57.99 31.91 -20.37
N ASP D 16 58.24 31.04 -19.41
CA ASP D 16 58.76 29.71 -19.66
C ASP D 16 57.69 28.63 -19.66
N SER D 17 58.12 27.43 -20.04
CA SER D 17 57.26 26.27 -20.16
C SER D 17 57.37 25.41 -18.91
N LEU D 18 56.30 24.68 -18.60
CA LEU D 18 56.33 23.67 -17.56
C LEU D 18 55.19 22.71 -17.84
N ARG D 19 55.49 21.41 -17.85
CA ARG D 19 54.52 20.37 -18.11
C ARG D 19 54.27 19.57 -16.84
N LEU D 20 52.99 19.28 -16.57
CA LEU D 20 52.61 18.49 -15.41
C LEU D 20 52.08 17.14 -15.84
N SER D 21 52.16 16.18 -14.92
CA SER D 21 51.73 14.81 -15.16
C SER D 21 50.92 14.35 -13.96
N CYS D 22 50.18 13.25 -14.17
CA CYS D 22 49.28 12.73 -13.14
C CYS D 22 49.26 11.21 -13.25
N ALA D 23 49.59 10.53 -12.16
CA ALA D 23 49.64 9.08 -12.15
C ALA D 23 48.26 8.52 -11.80
N ALA D 24 47.75 7.64 -12.67
CA ALA D 24 46.44 7.03 -12.48
C ALA D 24 46.63 5.61 -11.97
N SER D 25 46.31 5.39 -10.70
CA SER D 25 46.39 4.09 -10.06
C SER D 25 45.01 3.69 -9.56
N GLY D 26 44.72 2.39 -9.63
CA GLY D 26 43.45 1.87 -9.14
C GLY D 26 42.58 1.31 -10.24
N ARG D 27 41.36 1.82 -10.36
CA ARG D 27 40.44 1.34 -11.38
C ARG D 27 40.89 1.82 -12.75
N PRO D 28 40.39 1.20 -13.82
CA PRO D 28 40.92 1.50 -15.16
C PRO D 28 40.86 2.98 -15.48
N PHE D 29 42.04 3.55 -15.76
CA PHE D 29 42.12 4.95 -16.16
C PHE D 29 41.20 5.24 -17.34
N SER D 30 41.08 4.29 -18.27
CA SER D 30 40.27 4.49 -19.46
C SER D 30 38.79 4.73 -19.15
N ASN D 31 38.34 4.37 -17.94
CA ASN D 31 36.91 4.47 -17.64
C ASN D 31 36.48 5.87 -17.20
N TYR D 32 37.42 6.78 -16.97
CA TYR D 32 37.12 8.07 -16.40
C TYR D 32 37.58 9.19 -17.32
N ALA D 33 36.68 10.13 -17.61
CA ALA D 33 37.09 11.42 -18.13
C ALA D 33 37.72 12.23 -17.00
N MET D 34 38.74 13.03 -17.35
CA MET D 34 39.52 13.72 -16.34
C MET D 34 39.60 15.21 -16.67
N GLY D 35 40.04 15.98 -15.68
CA GLY D 35 40.24 17.41 -15.85
C GLY D 35 41.31 17.90 -14.91
N TRP D 36 41.84 19.07 -15.22
CA TRP D 36 42.82 19.76 -14.38
C TRP D 36 42.14 20.96 -13.74
N PHE D 37 42.34 21.11 -12.43
CA PHE D 37 41.84 22.27 -11.69
C PHE D 37 43.01 22.99 -11.03
N ARG D 38 42.82 24.26 -10.75
CA ARG D 38 43.81 25.06 -10.04
C ARG D 38 43.11 25.98 -9.05
N GLN D 39 43.82 26.32 -7.98
CA GLN D 39 43.29 27.20 -6.94
C GLN D 39 44.39 28.16 -6.50
N ALA D 40 44.14 29.45 -6.65
CA ALA D 40 45.06 30.50 -6.27
C ALA D 40 44.78 30.96 -4.84
N PRO D 41 45.73 31.67 -4.22
CA PRO D 41 45.53 32.07 -2.83
C PRO D 41 44.31 32.96 -2.66
N GLY D 42 43.44 32.60 -1.73
CA GLY D 42 42.25 33.39 -1.48
C GLY D 42 41.26 33.40 -2.62
N LYS D 43 41.21 32.34 -3.42
CA LYS D 43 40.31 32.28 -4.57
C LYS D 43 39.80 30.85 -4.75
N GLU D 44 38.70 30.74 -5.50
CA GLU D 44 37.96 29.50 -5.66
C GLU D 44 38.56 28.61 -6.74
N ARG D 45 38.20 27.32 -6.65
CA ARG D 45 38.63 26.32 -7.62
C ARG D 45 38.19 26.69 -9.03
N GLU D 46 39.11 26.53 -9.99
CA GLU D 46 38.84 26.80 -11.39
C GLU D 46 39.20 25.58 -12.23
N ARG D 47 38.36 25.29 -13.22
CA ARG D 47 38.65 24.24 -14.20
C ARG D 47 39.39 24.88 -15.36
N VAL D 48 40.60 24.40 -15.65
CA VAL D 48 41.40 24.92 -16.75
C VAL D 48 41.30 24.04 -17.98
N ALA D 49 41.25 22.72 -17.80
CA ALA D 49 41.24 21.82 -18.94
C ALA D 49 40.52 20.53 -18.58
N SER D 50 39.84 19.97 -19.58
CA SER D 50 39.15 18.69 -19.45
C SER D 50 39.45 17.87 -20.70
N ILE D 51 39.27 16.55 -20.56
CA ILE D 51 39.55 15.60 -21.63
C ILE D 51 38.64 14.40 -21.43
N ASN D 52 38.09 13.90 -22.53
CA ASN D 52 37.31 12.69 -22.45
C ASN D 52 38.21 11.48 -22.21
N TRP D 53 37.58 10.33 -21.97
CA TRP D 53 38.35 9.10 -21.76
C TRP D 53 39.18 8.78 -23.00
N SER D 54 38.65 9.10 -24.17
CA SER D 54 39.27 8.75 -25.44
C SER D 54 40.44 9.64 -25.81
N GLY D 55 40.42 10.90 -25.39
CA GLY D 55 41.30 11.91 -25.92
C GLY D 55 40.74 12.59 -27.16
N THR D 56 39.53 12.22 -27.58
CA THR D 56 38.91 12.78 -28.78
C THR D 56 38.24 14.13 -28.54
N ASP D 57 38.01 14.53 -27.30
CA ASP D 57 37.28 15.76 -26.98
C ASP D 57 38.05 16.53 -25.93
N THR D 58 38.13 17.85 -26.11
CA THR D 58 38.90 18.71 -25.22
C THR D 58 38.16 20.01 -24.98
N ASP D 59 38.17 20.47 -23.73
CA ASP D 59 37.57 21.73 -23.34
C ASP D 59 38.58 22.51 -22.50
N TYR D 60 38.87 23.75 -22.92
CA TYR D 60 39.80 24.62 -22.22
C TYR D 60 39.07 25.87 -21.74
N ALA D 61 39.45 26.36 -20.56
CA ALA D 61 39.00 27.68 -20.14
C ALA D 61 39.58 28.74 -21.06
N ASP D 62 38.83 29.84 -21.23
CA ASP D 62 39.31 30.92 -22.08
C ASP D 62 40.53 31.62 -21.50
N SER D 63 40.80 31.43 -20.20
CA SER D 63 41.97 32.02 -19.57
C SER D 63 43.26 31.33 -20.00
N VAL D 64 43.16 30.13 -20.56
CA VAL D 64 44.32 29.31 -20.91
C VAL D 64 44.32 28.92 -22.37
N LYS D 65 43.37 29.43 -23.15
CA LYS D 65 43.22 29.01 -24.54
C LYS D 65 44.45 29.44 -25.35
N GLY D 66 44.89 28.54 -26.22
CA GLY D 66 46.06 28.76 -27.04
C GLY D 66 47.37 28.43 -26.37
N ARG D 67 47.44 28.51 -25.05
CA ARG D 67 48.68 28.26 -24.32
C ARG D 67 48.76 26.83 -23.78
N PHE D 68 47.73 26.38 -23.05
CA PHE D 68 47.74 25.08 -22.41
C PHE D 68 47.25 23.99 -23.37
N THR D 69 47.80 22.78 -23.19
CA THR D 69 47.37 21.59 -23.91
C THR D 69 47.22 20.43 -22.94
N ILE D 70 46.07 19.77 -22.95
CA ILE D 70 45.83 18.60 -22.13
C ILE D 70 45.95 17.33 -22.99
N SER D 71 46.74 16.37 -22.51
CA SER D 71 47.02 15.13 -23.23
C SER D 71 46.89 13.98 -22.23
N ARG D 72 46.67 12.77 -22.75
CA ARG D 72 46.64 11.60 -21.88
C ARG D 72 47.13 10.36 -22.63
N ASP D 73 47.59 9.39 -21.84
CA ASP D 73 48.10 8.10 -22.34
C ASP D 73 47.46 7.00 -21.50
N ASN D 74 46.43 6.34 -22.05
CA ASN D 74 45.68 5.36 -21.27
C ASN D 74 46.48 4.08 -21.01
N ALA D 75 47.47 3.78 -21.85
CA ALA D 75 48.35 2.65 -21.60
C ALA D 75 49.26 2.91 -20.40
N LYS D 76 49.84 4.11 -20.34
CA LYS D 76 50.71 4.49 -19.23
C LYS D 76 49.95 5.12 -18.08
N ARG D 77 48.61 5.08 -18.11
CA ARG D 77 47.76 5.61 -17.05
C ARG D 77 48.33 6.90 -16.50
N THR D 78 48.59 7.85 -17.39
CA THR D 78 49.09 9.17 -17.05
C THR D 78 48.31 10.25 -17.80
N LEU D 79 48.19 11.41 -17.16
CA LEU D 79 47.47 12.54 -17.71
C LEU D 79 48.36 13.78 -17.62
N TYR D 80 48.54 14.47 -18.74
CA TYR D 80 49.47 15.59 -18.84
C TYR D 80 48.73 16.91 -19.04
N LEU D 81 49.43 18.00 -18.71
CA LEU D 81 48.97 19.37 -18.98
C LEU D 81 50.18 20.19 -19.40
N GLN D 82 50.36 20.36 -20.71
CA GLN D 82 51.40 21.27 -21.21
C GLN D 82 50.97 22.70 -20.99
N MET D 83 51.85 23.50 -20.38
CA MET D 83 51.57 24.91 -20.12
C MET D 83 52.69 25.75 -20.69
N ASN D 84 52.36 26.59 -21.66
CA ASN D 84 53.31 27.45 -22.36
C ASN D 84 53.02 28.90 -22.00
N THR D 85 54.02 29.76 -22.20
CA THR D 85 53.90 31.18 -21.92
C THR D 85 53.19 31.42 -20.59
N LEU D 86 53.80 30.90 -19.53
CA LEU D 86 53.20 31.04 -18.21
C LEU D 86 53.30 32.49 -17.74
N LYS D 87 52.28 32.92 -17.00
CA LYS D 87 52.19 34.27 -16.47
C LYS D 87 52.03 34.22 -14.96
N PRO D 88 52.48 35.27 -14.25
CA PRO D 88 52.33 35.26 -12.78
C PRO D 88 50.92 34.97 -12.32
N GLU D 89 49.93 35.32 -13.15
CA GLU D 89 48.53 35.03 -12.83
C GLU D 89 48.30 33.54 -12.59
N ASP D 90 49.07 32.69 -13.26
CA ASP D 90 48.88 31.25 -13.23
C ASP D 90 49.50 30.57 -12.02
N THR D 91 49.83 31.32 -10.96
CA THR D 91 50.42 30.72 -9.76
C THR D 91 49.30 30.14 -8.89
N ALA D 92 49.31 28.82 -8.72
CA ALA D 92 48.26 28.15 -7.95
C ALA D 92 48.68 26.69 -7.72
N VAL D 93 47.86 25.99 -6.94
CA VAL D 93 48.01 24.55 -6.76
C VAL D 93 47.16 23.85 -7.81
N TYR D 94 47.78 22.99 -8.60
CA TYR D 94 47.11 22.34 -9.73
C TYR D 94 46.76 20.90 -9.36
N TYR D 95 45.47 20.57 -9.49
CA TYR D 95 44.94 19.29 -9.06
C TYR D 95 44.53 18.43 -10.24
N CYS D 96 44.76 17.14 -10.11
CA CYS D 96 44.29 16.12 -11.05
C CYS D 96 42.98 15.55 -10.52
N ALA D 97 41.99 15.39 -11.40
CA ALA D 97 40.67 14.97 -10.96
C ALA D 97 40.01 14.07 -12.00
N ALA D 98 39.32 13.04 -11.50
CA ALA D 98 38.61 12.08 -12.32
C ALA D 98 37.11 12.29 -12.16
N ARG D 99 36.38 12.27 -13.27
CA ARG D 99 34.95 12.55 -13.27
C ARG D 99 34.14 11.28 -13.47
N VAL D 100 33.20 11.04 -12.57
CA VAL D 100 32.15 10.03 -12.75
C VAL D 100 30.89 10.78 -13.13
N GLY D 101 30.41 10.55 -14.34
CA GLY D 101 29.22 11.23 -14.81
C GLY D 101 29.42 12.73 -14.87
N VAL D 102 28.79 13.46 -13.94
CA VAL D 102 29.01 14.91 -13.83
C VAL D 102 29.86 15.29 -12.63
N ASP D 103 29.97 14.43 -11.62
CA ASP D 103 30.69 14.76 -10.40
C ASP D 103 32.14 14.31 -10.50
N TYR D 104 33.06 15.22 -10.20
CA TYR D 104 34.46 14.85 -10.02
C TYR D 104 34.57 14.12 -8.68
N LYS D 105 34.82 12.82 -8.74
CA LYS D 105 34.68 11.95 -7.58
C LYS D 105 35.99 11.51 -6.99
N TYR D 106 37.10 11.91 -7.58
CA TYR D 106 38.41 11.63 -7.02
C TYR D 106 39.34 12.77 -7.38
N TRP D 107 40.19 13.16 -6.43
CA TRP D 107 41.12 14.25 -6.60
C TRP D 107 42.51 13.81 -6.18
N GLY D 108 43.51 14.55 -6.67
CA GLY D 108 44.87 14.39 -6.20
C GLY D 108 45.21 15.47 -5.17
N GLN D 109 46.38 15.30 -4.55
CA GLN D 109 46.78 16.24 -3.51
C GLN D 109 47.13 17.60 -4.08
N GLY D 110 47.61 17.65 -5.31
CA GLY D 110 47.95 18.90 -5.96
C GLY D 110 49.43 19.20 -5.91
N THR D 111 49.91 19.90 -6.92
CA THR D 111 51.31 20.27 -7.03
C THR D 111 51.39 21.78 -7.24
N GLN D 112 52.27 22.43 -6.48
CA GLN D 112 52.36 23.89 -6.47
C GLN D 112 53.10 24.38 -7.70
N VAL D 113 52.55 25.41 -8.34
CA VAL D 113 53.15 26.07 -9.48
C VAL D 113 53.26 27.55 -9.15
N THR D 114 54.48 28.07 -9.18
CA THR D 114 54.76 29.47 -8.86
C THR D 114 55.45 30.10 -10.06
N VAL D 115 54.99 31.28 -10.47
CA VAL D 115 55.53 31.96 -11.63
C VAL D 115 56.08 33.32 -11.19
N SER D 116 57.37 33.51 -11.39
CA SER D 116 58.05 34.77 -11.08
C SER D 116 58.04 35.70 -12.28
N SER D 117 57.94 36.99 -12.00
CA SER D 117 58.06 38.00 -13.06
C SER D 117 59.53 38.15 -13.46
#